data_1Y0P
#
_entry.id   1Y0P
#
_cell.length_a   45.449
_cell.length_b   91.687
_cell.length_c   78.287
_cell.angle_alpha   90.00
_cell.angle_beta   91.13
_cell.angle_gamma   90.00
#
_symmetry.space_group_name_H-M   'P 1 21 1'
#
loop_
_entity.id
_entity.type
_entity.pdbx_description
1 polymer 'Fumarate reductase flavoprotein subunit'
2 non-polymer 'SODIUM ION'
3 non-polymer 'HEME C'
4 non-polymer 'FLAVIN-ADENINE DINUCLEOTIDE'
5 non-polymer '(2E)-2-METHYLBUT-2-ENEDIOIC ACID'
6 water water
#
_entity_poly.entity_id   1
_entity_poly.type   'polypeptide(L)'
_entity_poly.pdbx_seq_one_letter_code
;ADNLAEFHVQNQECDSCHTPDGELSNDSLTYENTQCVSCHGTLAEVAETTKHEHYNAHASHFPGEVACTSCHSAHEKSMV
YCDSCHSFDFNMPYAKKWLRDEPTIAELAKDKSERQAALASAPHDTVDVVVVGSGGAGFSAAISATDSGAKVILIEKEPV
IGGNAKLAAGGMNAAWTDQQKAKKITDSPELMFEDTMKGGQNINDPALVKVLSSHSKDSVDWMTAMGADLTDVGMMGGAS
VNRAHRPTGGAGVGAHVVQVLYDNAVKRNIDLRMNTRGIEVLKDDKGTVKGILVKGMYKGYYWVKADAVILATGGFAKNN
ERVAKLDPSLKGFISTNQPGAVGDGLDVAENAGGALKDMQYIQAHPTLSVKGGVMVTEAVRGNGAILVNREGKRFVNEIT
TRDKASAAILAQTGKSAYLIFDDSVRKSLSKIDKYIGLGVAPTADSLVKLGKMEGIDGKALTETVARYNSLVSSGKDTDF
ERPNLPRALNEGNYYAIEVTPGVHHTMGGVMIDTKAEVMNAKKQVIPGLYGAGEVTGGVHGANRLGGNAISDIITFGRLA
GEEAAKYSKKN
;
_entity_poly.pdbx_strand_id   A
#
loop_
_chem_comp.id
_chem_comp.type
_chem_comp.name
_chem_comp.formula
FAD non-polymer 'FLAVIN-ADENINE DINUCLEOTIDE' 'C27 H33 N9 O15 P2'
HEC non-polymer 'HEME C' 'C34 H34 Fe N4 O4'
MEZ non-polymer '(2E)-2-METHYLBUT-2-ENEDIOIC ACID' 'C5 H6 O4'
NA non-polymer 'SODIUM ION' 'Na 1'
#
# COMPACT_ATOMS: atom_id res chain seq x y z
N ALA A 1 -5.15 12.71 -35.66
CA ALA A 1 -6.30 12.85 -34.70
C ALA A 1 -5.86 13.48 -33.37
N ASP A 2 -6.80 14.12 -32.67
CA ASP A 2 -6.50 14.79 -31.41
C ASP A 2 -6.89 13.89 -30.23
N ASN A 3 -7.64 12.83 -30.50
CA ASN A 3 -7.95 11.86 -29.44
C ASN A 3 -8.21 10.46 -30.00
N LEU A 4 -8.26 9.47 -29.12
CA LEU A 4 -8.35 8.08 -29.51
C LEU A 4 -9.65 7.73 -30.21
N ALA A 5 -10.76 8.33 -29.78
CA ALA A 5 -12.05 8.04 -30.40
C ALA A 5 -12.04 8.57 -31.82
N GLU A 6 -11.53 9.78 -32.00
CA GLU A 6 -11.40 10.37 -33.34
C GLU A 6 -10.58 9.48 -34.26
N PHE A 7 -9.48 8.94 -33.75
CA PHE A 7 -8.71 7.99 -34.51
C PHE A 7 -9.56 6.82 -35.00
N HIS A 8 -10.26 6.19 -34.06
CA HIS A 8 -10.99 4.98 -34.34
C HIS A 8 -12.15 5.21 -35.32
N VAL A 9 -12.89 6.30 -35.12
CA VAL A 9 -14.10 6.53 -35.91
C VAL A 9 -13.79 6.85 -37.38
N GLN A 10 -12.51 7.09 -37.69
CA GLN A 10 -12.09 7.16 -39.11
C GLN A 10 -12.49 5.88 -39.85
N ASN A 11 -12.45 4.73 -39.17
CA ASN A 11 -12.77 3.42 -39.76
C ASN A 11 -13.78 2.58 -38.98
N GLN A 12 -14.42 3.18 -37.99
CA GLN A 12 -15.33 2.45 -37.11
C GLN A 12 -16.53 3.26 -36.72
N GLU A 13 -17.60 2.55 -36.39
CA GLU A 13 -18.83 3.17 -35.91
C GLU A 13 -18.76 3.37 -34.40
N CYS A 14 -19.60 4.25 -33.88
CA CYS A 14 -19.68 4.48 -32.43
C CYS A 14 -19.92 3.21 -31.65
N ASP A 15 -20.75 2.32 -32.19
CA ASP A 15 -21.13 1.10 -31.48
C ASP A 15 -20.07 0.02 -31.53
N SER A 16 -18.91 0.33 -32.12
CA SER A 16 -17.74 -0.54 -31.97
C SER A 16 -17.26 -0.55 -30.52
N CYS A 17 -17.40 0.59 -29.84
CA CYS A 17 -17.03 0.71 -28.41
C CYS A 17 -18.23 0.80 -27.49
N HIS A 18 -19.31 1.37 -27.99
CA HIS A 18 -20.45 1.67 -27.17
C HIS A 18 -21.56 0.63 -27.21
N THR A 19 -22.38 0.64 -26.16
CA THR A 19 -23.64 -0.11 -26.12
C THR A 19 -24.58 0.48 -27.21
N PRO A 20 -25.66 -0.22 -27.54
CA PRO A 20 -26.63 0.23 -28.55
C PRO A 20 -27.24 1.63 -28.37
N ASP A 21 -27.55 2.00 -27.13
CA ASP A 21 -28.17 3.28 -26.80
C ASP A 21 -27.15 4.40 -26.59
N GLY A 22 -25.88 4.01 -26.51
CA GLY A 22 -24.80 4.94 -26.31
C GLY A 22 -24.43 5.17 -24.86
N GLU A 23 -25.25 4.63 -23.93
CA GLU A 23 -25.06 4.92 -22.50
C GLU A 23 -23.83 4.13 -22.05
N LEU A 24 -23.02 4.79 -21.23
CA LEU A 24 -21.89 4.10 -20.60
C LEU A 24 -22.39 3.02 -19.68
N SER A 25 -21.74 1.85 -19.72
CA SER A 25 -22.27 0.69 -19.01
C SER A 25 -22.35 0.91 -17.50
N ASN A 26 -21.26 1.44 -16.94
CA ASN A 26 -21.09 1.61 -15.51
C ASN A 26 -19.80 2.39 -15.27
N ASP A 27 -19.49 2.74 -14.03
CA ASP A 27 -18.28 3.51 -13.75
C ASP A 27 -17.00 2.72 -13.92
N SER A 28 -17.08 1.38 -13.96
CA SER A 28 -15.91 0.57 -14.34
C SER A 28 -15.68 0.48 -15.86
N LEU A 29 -16.60 1.04 -16.64
CA LEU A 29 -16.56 0.94 -18.09
C LEU A 29 -16.38 -0.53 -18.54
N THR A 30 -17.10 -1.45 -17.91
CA THR A 30 -16.92 -2.87 -18.15
C THR A 30 -17.16 -3.22 -19.63
N TYR A 31 -18.30 -2.79 -20.14
CA TYR A 31 -18.66 -3.10 -21.55
C TYR A 31 -17.63 -2.51 -22.53
N GLU A 32 -17.26 -1.26 -22.31
CA GLU A 32 -16.41 -0.52 -23.22
C GLU A 32 -15.02 -1.15 -23.26
N ASN A 33 -14.46 -1.46 -22.09
CA ASN A 33 -13.18 -2.15 -22.05
C ASN A 33 -13.23 -3.54 -22.71
N THR A 34 -14.33 -4.23 -22.56
CA THR A 34 -14.53 -5.52 -23.21
C THR A 34 -14.40 -5.36 -24.72
N GLN A 35 -14.86 -4.23 -25.25
CA GLN A 35 -14.73 -3.98 -26.69
C GLN A 35 -13.27 -3.69 -27.07
N CYS A 36 -12.51 -2.95 -26.27
CA CYS A 36 -11.10 -2.77 -26.58
C CYS A 36 -10.42 -4.13 -26.70
N VAL A 37 -10.70 -5.00 -25.74
CA VAL A 37 -10.07 -6.31 -25.69
C VAL A 37 -10.54 -7.18 -26.85
N SER A 38 -11.77 -7.00 -27.29
CA SER A 38 -12.31 -7.82 -28.37
C SER A 38 -11.47 -7.68 -29.64
N CYS A 39 -10.91 -6.49 -29.85
CA CYS A 39 -10.09 -6.18 -31.02
C CYS A 39 -8.59 -6.28 -30.80
N HIS A 40 -8.09 -5.79 -29.67
CA HIS A 40 -6.67 -5.71 -29.39
C HIS A 40 -6.11 -6.92 -28.64
N GLY A 41 -7.00 -7.67 -28.01
CA GLY A 41 -6.64 -8.73 -27.10
C GLY A 41 -6.58 -8.29 -25.65
N THR A 42 -6.33 -9.25 -24.77
CA THR A 42 -6.19 -8.96 -23.33
C THR A 42 -4.98 -8.10 -23.08
N LEU A 43 -4.86 -7.61 -21.86
CA LEU A 43 -3.70 -6.86 -21.49
C LEU A 43 -2.39 -7.65 -21.73
N ALA A 44 -2.41 -8.95 -21.44
CA ALA A 44 -1.21 -9.78 -21.63
C ALA A 44 -0.84 -9.92 -23.13
N GLU A 45 -1.88 -10.01 -23.95
CA GLU A 45 -1.70 -10.11 -25.40
C GLU A 45 -1.16 -8.80 -25.96
N VAL A 46 -1.72 -7.68 -25.52
CA VAL A 46 -1.18 -6.38 -25.89
C VAL A 46 0.28 -6.23 -25.43
N ALA A 47 0.58 -6.75 -24.24
CA ALA A 47 1.90 -6.64 -23.66
C ALA A 47 3.00 -7.28 -24.55
N GLU A 48 2.62 -8.34 -25.25
CA GLU A 48 3.56 -9.02 -26.13
C GLU A 48 4.09 -8.09 -27.21
N THR A 49 3.30 -7.08 -27.58
CA THR A 49 3.66 -6.09 -28.59
C THR A 49 4.34 -4.83 -28.08
N THR A 50 4.49 -4.69 -26.76
CA THR A 50 5.06 -3.46 -26.18
C THR A 50 6.18 -3.75 -25.19
N LYS A 51 6.94 -4.80 -25.44
CA LYS A 51 8.09 -5.13 -24.60
C LYS A 51 9.28 -4.18 -24.77
N HIS A 52 9.80 -3.67 -23.64
CA HIS A 52 11.15 -3.12 -23.54
C HIS A 52 11.93 -4.08 -22.61
N GLU A 53 13.25 -3.99 -22.61
CA GLU A 53 14.06 -4.95 -21.85
C GLU A 53 13.66 -4.97 -20.37
N HIS A 54 13.50 -3.79 -19.78
CA HIS A 54 13.31 -3.67 -18.33
C HIS A 54 11.95 -3.09 -17.89
N TYR A 55 11.02 -2.90 -18.80
CA TYR A 55 9.69 -2.39 -18.43
C TYR A 55 8.70 -2.61 -19.55
N ASN A 56 7.43 -2.53 -19.24
CA ASN A 56 6.35 -2.76 -20.21
C ASN A 56 5.11 -2.11 -19.61
N ALA A 57 4.57 -1.09 -20.27
CA ALA A 57 3.34 -0.43 -19.82
C ALA A 57 2.22 -1.42 -19.54
N HIS A 58 2.16 -2.53 -20.30
CA HIS A 58 1.05 -3.46 -20.27
C HIS A 58 1.34 -4.75 -19.47
N ALA A 59 2.48 -4.78 -18.80
CA ALA A 59 2.86 -5.88 -17.95
C ALA A 59 3.65 -5.34 -16.76
N SER A 60 2.89 -4.96 -15.75
CA SER A 60 3.45 -4.36 -14.56
C SER A 60 3.20 -5.24 -13.35
N HIS A 61 3.68 -4.76 -12.20
CA HIS A 61 3.45 -5.40 -10.93
C HIS A 61 2.05 -5.22 -10.35
N PHE A 62 1.20 -4.44 -11.00
CA PHE A 62 -0.17 -4.24 -10.52
C PHE A 62 -0.96 -5.54 -10.58
N PRO A 63 -1.63 -5.91 -9.49
CA PRO A 63 -2.48 -7.11 -9.48
C PRO A 63 -3.88 -6.78 -10.00
N GLY A 64 -4.66 -7.84 -10.23
CA GLY A 64 -5.99 -7.70 -10.78
C GLY A 64 -5.96 -7.58 -12.29
N GLU A 65 -7.11 -7.19 -12.83
CA GLU A 65 -7.28 -7.00 -14.27
C GLU A 65 -7.39 -5.50 -14.54
N VAL A 66 -6.27 -4.91 -14.94
CA VAL A 66 -6.17 -3.45 -15.14
C VAL A 66 -6.88 -3.02 -16.42
N ALA A 67 -7.94 -2.25 -16.28
CA ALA A 67 -8.76 -1.80 -17.40
C ALA A 67 -7.97 -0.88 -18.33
N CYS A 68 -8.20 -1.03 -19.64
CA CYS A 68 -7.54 -0.20 -20.64
C CYS A 68 -7.78 1.29 -20.43
N THR A 69 -9.00 1.63 -20.05
CA THR A 69 -9.37 3.03 -19.81
C THR A 69 -8.75 3.64 -18.55
N SER A 70 -8.03 2.83 -17.77
CA SER A 70 -7.20 3.35 -16.68
C SER A 70 -6.18 4.34 -17.21
N CYS A 71 -5.71 4.13 -18.44
CA CYS A 71 -4.73 4.99 -19.08
C CYS A 71 -5.16 5.56 -20.43
N HIS A 72 -5.96 4.82 -21.17
CA HIS A 72 -6.47 5.28 -22.48
C HIS A 72 -7.91 5.75 -22.38
N SER A 73 -8.11 7.06 -22.33
CA SER A 73 -9.46 7.62 -22.53
C SER A 73 -9.76 7.72 -24.01
N ALA A 74 -11.02 7.84 -24.34
CA ALA A 74 -11.48 7.87 -25.74
C ALA A 74 -11.55 9.27 -26.29
N HIS A 75 -12.25 10.15 -25.60
CA HIS A 75 -12.63 11.46 -26.20
C HIS A 75 -11.82 12.62 -25.68
N GLU A 76 -10.76 12.31 -24.93
CA GLU A 76 -9.82 13.33 -24.46
C GLU A 76 -8.45 12.66 -24.27
N LYS A 77 -7.39 13.45 -24.31
CA LYS A 77 -6.05 12.93 -24.02
C LYS A 77 -6.03 12.45 -22.57
N SER A 78 -5.15 11.50 -22.32
CA SER A 78 -5.15 10.84 -21.02
C SER A 78 -3.73 10.52 -20.54
N MET A 79 -3.65 10.12 -19.29
CA MET A 79 -2.39 10.06 -18.56
C MET A 79 -2.04 8.59 -18.29
N VAL A 80 -0.73 8.30 -18.32
CA VAL A 80 -0.22 6.98 -18.04
C VAL A 80 -0.08 6.86 -16.53
N TYR A 81 -0.79 5.89 -15.94
CA TYR A 81 -0.85 5.81 -14.49
C TYR A 81 0.54 5.62 -13.86
N CYS A 82 1.38 4.87 -14.57
CA CYS A 82 2.74 4.60 -14.12
C CYS A 82 3.56 5.86 -13.90
N ASP A 83 3.20 6.94 -14.59
CA ASP A 83 3.92 8.20 -14.48
C ASP A 83 3.77 8.86 -13.11
N SER A 84 2.82 8.38 -12.29
CA SER A 84 2.69 8.87 -10.91
C SER A 84 3.80 8.44 -9.95
N CYS A 85 4.58 7.43 -10.34
CA CYS A 85 5.76 7.03 -9.57
C CYS A 85 7.06 6.89 -10.34
N HIS A 86 6.97 6.68 -11.65
CA HIS A 86 8.12 6.39 -12.49
C HIS A 86 8.15 7.43 -13.63
N SER A 87 9.29 7.50 -14.33
CA SER A 87 9.41 8.26 -15.58
C SER A 87 10.04 7.40 -16.66
N PHE A 88 9.35 6.34 -17.04
CA PHE A 88 9.80 5.46 -18.13
C PHE A 88 9.62 6.19 -19.46
N ASP A 89 10.41 5.78 -20.44
CA ASP A 89 10.33 6.40 -21.76
C ASP A 89 9.15 5.77 -22.51
N PHE A 90 7.99 6.43 -22.46
CA PHE A 90 6.78 5.92 -23.10
C PHE A 90 6.35 6.84 -24.23
N ASN A 91 5.61 6.27 -25.18
CA ASN A 91 5.02 7.02 -26.27
C ASN A 91 3.57 6.61 -26.45
N MET A 92 2.75 6.79 -25.42
CA MET A 92 1.35 6.41 -25.53
C MET A 92 0.64 7.40 -26.44
N PRO A 93 -0.09 6.89 -27.42
CA PRO A 93 -0.92 7.77 -28.26
C PRO A 93 -1.82 8.62 -27.38
N TYR A 94 -1.95 9.89 -27.73
CA TYR A 94 -2.87 10.84 -27.09
C TYR A 94 -2.58 11.03 -25.59
N ALA A 95 -1.31 10.91 -25.22
CA ALA A 95 -0.92 11.11 -23.84
C ALA A 95 -0.88 12.57 -23.46
N LYS A 96 -1.05 12.83 -22.18
CA LYS A 96 -0.70 14.11 -21.60
C LYS A 96 0.08 13.87 -20.31
N LYS A 97 0.73 14.90 -19.82
CA LYS A 97 1.57 14.81 -18.63
C LYS A 97 0.75 14.41 -17.42
N TRP A 98 1.32 13.54 -16.58
CA TRP A 98 0.65 13.14 -15.34
C TRP A 98 0.45 14.33 -14.44
N LEU A 99 -0.79 14.51 -14.00
CA LEU A 99 -1.16 15.52 -13.03
C LEU A 99 -2.39 15.05 -12.30
N ARG A 100 -2.26 14.87 -10.99
CA ARG A 100 -3.40 14.54 -10.13
C ARG A 100 -3.87 15.82 -9.42
N ASP A 101 -5.12 16.17 -9.62
CA ASP A 101 -5.77 17.29 -8.94
C ASP A 101 -7.24 16.91 -8.70
N GLU A 102 -7.41 16.06 -7.69
CA GLU A 102 -8.70 15.55 -7.27
C GLU A 102 -9.30 16.52 -6.26
N PRO A 103 -10.53 16.92 -6.49
CA PRO A 103 -11.21 17.80 -5.54
C PRO A 103 -11.30 17.14 -4.17
N THR A 104 -11.18 17.95 -3.13
CA THR A 104 -11.38 17.47 -1.76
C THR A 104 -12.86 17.28 -1.51
N ILE A 105 -13.17 16.51 -0.47
CA ILE A 105 -14.56 16.36 -0.07
C ILE A 105 -15.16 17.74 0.19
N ALA A 106 -14.39 18.66 0.77
CA ALA A 106 -14.91 20.01 1.03
C ALA A 106 -15.29 20.75 -0.26
N GLU A 107 -14.43 20.65 -1.27
CA GLU A 107 -14.67 21.29 -2.56
C GLU A 107 -15.91 20.72 -3.21
N LEU A 108 -16.21 19.44 -2.99
CA LEU A 108 -17.39 18.82 -3.61
C LEU A 108 -18.72 19.30 -3.01
N ALA A 109 -18.64 20.03 -1.91
CA ALA A 109 -19.80 20.79 -1.41
C ALA A 109 -20.37 21.73 -2.47
N LYS A 110 -19.56 22.13 -3.43
CA LYS A 110 -20.02 23.00 -4.54
C LYS A 110 -20.97 22.30 -5.51
N ASP A 111 -21.07 20.98 -5.43
CA ASP A 111 -22.04 20.22 -6.20
C ASP A 111 -23.36 20.08 -5.41
N LYS A 112 -23.74 21.11 -4.65
CA LYS A 112 -25.00 21.11 -3.89
C LYS A 112 -26.16 20.72 -4.80
N SER A 113 -26.30 21.43 -5.90
CA SER A 113 -27.06 20.94 -7.01
C SER A 113 -26.22 19.87 -7.72
N GLU A 114 -26.86 18.73 -7.85
CA GLU A 114 -26.34 17.43 -8.25
C GLU A 114 -26.48 16.48 -7.05
N ARG A 115 -25.99 16.88 -5.87
CA ARG A 115 -26.05 15.99 -4.71
C ARG A 115 -27.47 15.87 -4.14
N GLN A 116 -28.16 16.99 -4.09
CA GLN A 116 -29.53 17.04 -3.62
C GLN A 116 -30.45 16.23 -4.55
N ALA A 117 -30.21 16.31 -5.86
CA ALA A 117 -31.02 15.56 -6.81
C ALA A 117 -30.76 14.08 -6.59
N ALA A 118 -29.52 13.72 -6.30
CA ALA A 118 -29.22 12.31 -6.11
C ALA A 118 -29.90 11.78 -4.85
N LEU A 119 -29.83 12.54 -3.76
CA LEU A 119 -30.37 12.10 -2.48
C LEU A 119 -31.91 12.10 -2.51
N ALA A 120 -32.49 12.87 -3.42
CA ALA A 120 -33.96 12.91 -3.58
C ALA A 120 -34.45 11.74 -4.43
N SER A 121 -33.54 11.09 -5.15
CA SER A 121 -33.84 9.91 -5.96
C SER A 121 -33.86 8.65 -5.11
N ALA A 122 -34.38 7.59 -5.70
CA ALA A 122 -34.31 6.26 -5.12
C ALA A 122 -32.84 5.88 -4.98
N PRO A 123 -32.50 5.04 -4.01
CA PRO A 123 -31.13 4.52 -3.95
C PRO A 123 -30.91 3.64 -5.16
N HIS A 124 -29.75 3.78 -5.78
CA HIS A 124 -29.42 2.99 -6.94
C HIS A 124 -29.33 1.49 -6.61
N ASP A 125 -28.90 1.20 -5.39
CA ASP A 125 -28.77 -0.14 -4.85
C ASP A 125 -29.17 -0.15 -3.40
N THR A 126 -29.66 -1.31 -2.97
CA THR A 126 -29.96 -1.54 -1.59
C THR A 126 -29.29 -2.84 -1.18
N VAL A 127 -28.28 -2.75 -0.32
CA VAL A 127 -27.49 -3.89 0.12
C VAL A 127 -27.27 -3.84 1.62
N ASP A 128 -26.51 -4.80 2.15
CA ASP A 128 -26.25 -4.85 3.58
C ASP A 128 -25.09 -3.95 4.01
N VAL A 129 -24.00 -4.00 3.26
CA VAL A 129 -22.75 -3.35 3.65
C VAL A 129 -22.12 -2.75 2.40
N VAL A 130 -21.66 -1.50 2.51
CA VAL A 130 -20.78 -0.90 1.51
C VAL A 130 -19.39 -0.76 2.11
N VAL A 131 -18.38 -1.24 1.38
CA VAL A 131 -16.98 -1.13 1.78
C VAL A 131 -16.31 -0.14 0.83
N VAL A 132 -15.62 0.86 1.41
CA VAL A 132 -15.03 1.94 0.67
C VAL A 132 -13.51 1.76 0.71
N GLY A 133 -12.95 1.41 -0.46
CA GLY A 133 -11.52 1.24 -0.66
C GLY A 133 -11.15 -0.19 -1.02
N SER A 134 -10.37 -0.36 -2.09
CA SER A 134 -9.99 -1.72 -2.57
C SER A 134 -8.55 -2.07 -2.25
N GLY A 135 -8.04 -1.61 -1.12
CA GLY A 135 -6.80 -2.11 -0.56
C GLY A 135 -6.98 -3.42 0.19
N GLY A 136 -5.98 -3.81 0.99
CA GLY A 136 -6.09 -5.03 1.75
C GLY A 136 -7.24 -5.04 2.73
N ALA A 137 -7.44 -3.93 3.42
CA ALA A 137 -8.50 -3.88 4.40
C ALA A 137 -9.86 -4.02 3.77
N GLY A 138 -10.09 -3.34 2.66
CA GLY A 138 -11.38 -3.30 2.00
C GLY A 138 -11.73 -4.63 1.38
N PHE A 139 -10.80 -5.21 0.65
CA PHE A 139 -11.06 -6.56 0.11
C PHE A 139 -11.32 -7.55 1.25
N SER A 140 -10.52 -7.49 2.32
CA SER A 140 -10.72 -8.44 3.41
C SER A 140 -12.11 -8.28 4.03
N ALA A 141 -12.53 -7.04 4.23
CA ALA A 141 -13.85 -6.75 4.78
C ALA A 141 -14.94 -7.24 3.84
N ALA A 142 -14.78 -6.96 2.55
CA ALA A 142 -15.81 -7.39 1.59
C ALA A 142 -15.96 -8.91 1.55
N ILE A 143 -14.85 -9.62 1.56
CA ILE A 143 -14.86 -11.10 1.57
C ILE A 143 -15.47 -11.60 2.87
N SER A 144 -15.01 -11.10 4.02
CA SER A 144 -15.48 -11.64 5.29
C SER A 144 -16.97 -11.34 5.50
N ALA A 145 -17.42 -10.16 5.12
CA ALA A 145 -18.85 -9.83 5.24
C ALA A 145 -19.67 -10.78 4.31
N THR A 146 -19.19 -10.98 3.08
CA THR A 146 -19.85 -11.88 2.14
C THR A 146 -19.93 -13.32 2.69
N ASP A 147 -18.84 -13.80 3.27
CA ASP A 147 -18.85 -15.14 3.87
C ASP A 147 -19.76 -15.23 5.09
N SER A 148 -20.07 -14.10 5.73
CA SER A 148 -20.99 -14.04 6.88
C SER A 148 -22.44 -13.82 6.47
N GLY A 149 -22.72 -13.86 5.17
CA GLY A 149 -24.07 -13.80 4.64
C GLY A 149 -24.55 -12.44 4.16
N ALA A 150 -23.67 -11.45 4.21
CA ALA A 150 -24.04 -10.11 3.78
C ALA A 150 -23.85 -9.89 2.28
N LYS A 151 -24.73 -9.08 1.69
CA LYS A 151 -24.56 -8.59 0.33
C LYS A 151 -23.77 -7.27 0.40
N VAL A 152 -22.65 -7.24 -0.31
CA VAL A 152 -21.70 -6.11 -0.24
C VAL A 152 -21.56 -5.42 -1.60
N ILE A 153 -21.36 -4.12 -1.59
CA ILE A 153 -20.74 -3.41 -2.71
C ILE A 153 -19.41 -2.87 -2.22
N LEU A 154 -18.37 -3.09 -3.00
CA LEU A 154 -17.00 -2.59 -2.73
C LEU A 154 -16.71 -1.51 -3.75
N ILE A 155 -16.36 -0.30 -3.32
CA ILE A 155 -16.03 0.78 -4.25
C ILE A 155 -14.59 1.23 -4.13
N GLU A 156 -14.04 1.67 -5.25
CA GLU A 156 -12.67 2.18 -5.37
C GLU A 156 -12.68 3.44 -6.21
N LYS A 157 -12.16 4.55 -5.68
CA LYS A 157 -12.13 5.81 -6.43
C LYS A 157 -11.15 5.80 -7.60
N GLU A 158 -10.04 5.09 -7.48
CA GLU A 158 -9.03 4.97 -8.51
C GLU A 158 -9.48 4.11 -9.67
N PRO A 159 -8.75 4.17 -10.78
CA PRO A 159 -9.05 3.27 -11.89
C PRO A 159 -8.54 1.87 -11.67
N VAL A 160 -7.66 1.68 -10.69
CA VAL A 160 -7.03 0.39 -10.42
C VAL A 160 -7.20 0.02 -8.97
N ILE A 161 -7.23 -1.28 -8.70
CA ILE A 161 -7.36 -1.83 -7.36
C ILE A 161 -6.09 -1.73 -6.56
N GLY A 162 -6.24 -1.85 -5.25
CA GLY A 162 -5.14 -2.25 -4.41
C GLY A 162 -4.47 -1.17 -3.58
N GLY A 163 -4.77 0.09 -3.85
CA GLY A 163 -4.21 1.16 -3.02
C GLY A 163 -2.72 1.09 -2.87
N ASN A 164 -2.24 1.40 -1.66
CA ASN A 164 -0.86 1.18 -1.29
C ASN A 164 -0.55 -0.29 -0.98
N ALA A 165 -1.55 -1.09 -0.63
CA ALA A 165 -1.32 -2.50 -0.22
C ALA A 165 -0.66 -3.31 -1.31
N LYS A 166 -1.00 -3.01 -2.56
CA LYS A 166 -0.39 -3.75 -3.66
C LYS A 166 1.09 -3.49 -3.84
N LEU A 167 1.62 -2.46 -3.18
CA LEU A 167 3.01 -2.08 -3.25
C LEU A 167 3.82 -2.69 -2.14
N ALA A 168 3.18 -3.35 -1.15
CA ALA A 168 3.89 -3.84 0.02
C ALA A 168 4.97 -4.81 -0.33
N ALA A 169 6.12 -4.69 0.31
CA ALA A 169 7.24 -5.54 -0.07
C ALA A 169 7.63 -6.55 1.03
N GLY A 170 8.12 -6.02 2.12
CA GLY A 170 8.86 -6.76 3.08
C GLY A 170 8.13 -7.82 3.86
N GLY A 171 6.83 -7.66 4.12
CA GLY A 171 6.08 -8.78 4.71
C GLY A 171 4.93 -8.48 5.64
N MET A 172 4.29 -9.55 6.12
CA MET A 172 3.13 -9.50 6.99
C MET A 172 3.49 -10.12 8.34
N ASN A 173 3.51 -9.34 9.40
CA ASN A 173 3.89 -9.89 10.71
C ASN A 173 2.84 -10.78 11.36
N ALA A 174 3.29 -11.88 11.97
CA ALA A 174 2.38 -12.76 12.71
C ALA A 174 3.21 -13.68 13.61
N ALA A 175 2.57 -14.16 14.67
CA ALA A 175 3.20 -15.14 15.57
C ALA A 175 2.07 -15.90 16.26
N TRP A 176 2.22 -17.19 16.63
CA TRP A 176 3.34 -18.05 16.30
C TRP A 176 2.84 -19.02 15.24
N THR A 177 3.21 -18.77 13.99
CA THR A 177 2.61 -19.45 12.84
C THR A 177 3.22 -20.83 12.55
N ASP A 178 2.46 -21.64 11.84
CA ASP A 178 2.99 -22.91 11.30
C ASP A 178 4.18 -22.62 10.40
N GLN A 179 4.10 -21.47 9.69
CA GLN A 179 5.14 -21.10 8.78
C GLN A 179 6.45 -20.83 9.51
N GLN A 180 6.37 -20.13 10.65
CA GLN A 180 7.52 -19.91 11.52
C GLN A 180 8.11 -21.23 12.02
N LYS A 181 7.23 -22.12 12.49
CA LYS A 181 7.68 -23.40 13.05
C LYS A 181 8.41 -24.22 12.00
N ALA A 182 7.93 -24.18 10.77
CA ALA A 182 8.56 -24.89 9.66
C ALA A 182 9.98 -24.39 9.31
N LYS A 183 10.27 -23.13 9.67
CA LYS A 183 11.58 -22.52 9.49
C LYS A 183 12.37 -22.45 10.80
N LYS A 184 11.91 -23.20 11.81
CA LYS A 184 12.61 -23.28 13.10
C LYS A 184 12.69 -21.98 13.82
N ILE A 185 11.62 -21.18 13.70
CA ILE A 185 11.55 -19.93 14.41
C ILE A 185 10.62 -20.10 15.59
N THR A 186 11.07 -19.59 16.72
CA THR A 186 10.30 -19.54 17.95
C THR A 186 9.82 -18.11 18.21
N ASP A 187 8.51 -17.96 18.35
CA ASP A 187 7.91 -16.65 18.56
C ASP A 187 6.65 -16.82 19.42
N SER A 188 6.00 -15.72 19.77
CA SER A 188 4.71 -15.76 20.44
C SER A 188 3.92 -14.48 20.18
N PRO A 189 2.59 -14.54 20.26
CA PRO A 189 1.77 -13.33 20.18
C PRO A 189 2.17 -12.30 21.23
N GLU A 190 2.56 -12.77 22.41
CA GLU A 190 2.97 -11.89 23.49
C GLU A 190 4.22 -11.11 23.11
N LEU A 191 5.19 -11.76 22.49
CA LEU A 191 6.42 -11.12 22.09
C LEU A 191 6.13 -10.14 20.95
N MET A 192 5.23 -10.49 20.05
CA MET A 192 4.82 -9.55 18.99
C MET A 192 4.16 -8.29 19.59
N PHE A 193 3.26 -8.52 20.53
CA PHE A 193 2.64 -7.43 21.30
C PHE A 193 3.67 -6.52 21.98
N GLU A 194 4.66 -7.12 22.66
CA GLU A 194 5.66 -6.34 23.38
C GLU A 194 6.53 -5.54 22.42
N ASP A 195 6.99 -6.16 21.33
CA ASP A 195 7.78 -5.46 20.36
C ASP A 195 6.97 -4.27 19.80
N THR A 196 5.67 -4.50 19.55
CA THR A 196 4.84 -3.49 18.89
C THR A 196 4.64 -2.26 19.80
N MET A 197 4.29 -2.51 21.04
CA MET A 197 4.15 -1.44 22.04
C MET A 197 5.45 -0.66 22.22
N LYS A 198 6.55 -1.36 22.41
CA LYS A 198 7.83 -0.69 22.57
C LYS A 198 8.17 0.13 21.35
N GLY A 199 7.94 -0.46 20.18
CA GLY A 199 8.24 0.21 18.93
C GLY A 199 7.43 1.47 18.73
N GLY A 200 6.21 1.47 19.26
CA GLY A 200 5.34 2.62 19.15
C GLY A 200 5.49 3.63 20.27
N GLN A 201 6.53 3.47 21.09
CA GLN A 201 6.78 4.38 22.24
C GLN A 201 5.65 4.34 23.26
N ASN A 202 4.99 3.19 23.35
CA ASN A 202 3.87 2.94 24.23
C ASN A 202 2.71 3.95 24.08
N ILE A 203 2.58 4.52 22.89
CA ILE A 203 1.49 5.43 22.57
C ILE A 203 0.28 4.59 22.07
N ASN A 204 0.57 3.40 21.53
CA ASN A 204 -0.46 2.53 20.95
C ASN A 204 -1.58 2.22 21.94
N ASP A 205 -2.80 2.10 21.47
CA ASP A 205 -3.91 1.60 22.26
C ASP A 205 -3.68 0.12 22.54
N PRO A 206 -3.40 -0.30 23.76
CA PRO A 206 -3.08 -1.72 23.98
C PRO A 206 -4.18 -2.70 23.62
N ALA A 207 -5.45 -2.29 23.67
CA ALA A 207 -6.54 -3.16 23.32
C ALA A 207 -6.47 -3.45 21.81
N LEU A 208 -6.11 -2.44 21.02
CA LEU A 208 -5.98 -2.61 19.56
C LEU A 208 -4.75 -3.45 19.22
N VAL A 209 -3.64 -3.26 19.94
CA VAL A 209 -2.45 -4.06 19.70
C VAL A 209 -2.70 -5.52 20.10
N LYS A 210 -3.52 -5.76 21.11
CA LYS A 210 -3.84 -7.13 21.50
C LYS A 210 -4.61 -7.81 20.37
N VAL A 211 -5.49 -7.09 19.70
CA VAL A 211 -6.21 -7.69 18.55
C VAL A 211 -5.18 -8.00 17.45
N LEU A 212 -4.31 -7.05 17.15
CA LEU A 212 -3.25 -7.24 16.17
C LEU A 212 -2.42 -8.48 16.44
N SER A 213 -1.88 -8.61 17.66
CA SER A 213 -1.04 -9.75 17.96
C SER A 213 -1.82 -11.06 18.03
N SER A 214 -2.93 -11.06 18.75
CA SER A 214 -3.68 -12.29 19.01
C SER A 214 -4.34 -12.86 17.75
N HIS A 215 -4.72 -11.98 16.82
CA HIS A 215 -5.39 -12.41 15.57
C HIS A 215 -4.40 -12.72 14.43
N SER A 216 -3.14 -12.40 14.63
CA SER A 216 -2.19 -12.41 13.52
C SER A 216 -2.02 -13.78 12.88
N LYS A 217 -1.91 -14.85 13.68
CA LYS A 217 -1.76 -16.18 13.11
C LYS A 217 -3.01 -16.59 12.32
N ASP A 218 -4.17 -16.39 12.91
CA ASP A 218 -5.44 -16.63 12.21
C ASP A 218 -5.50 -15.90 10.85
N SER A 219 -5.00 -14.66 10.81
CA SER A 219 -5.03 -13.92 9.55
C SER A 219 -4.09 -14.48 8.49
N VAL A 220 -2.92 -14.94 8.91
CA VAL A 220 -2.02 -15.67 8.05
C VAL A 220 -2.70 -16.99 7.56
N ASP A 221 -3.38 -17.67 8.48
CA ASP A 221 -4.07 -18.92 8.12
C ASP A 221 -5.20 -18.66 7.12
N TRP A 222 -5.91 -17.54 7.32
CA TRP A 222 -7.06 -17.17 6.49
C TRP A 222 -6.59 -16.86 5.06
N MET A 223 -5.51 -16.08 4.96
CA MET A 223 -4.93 -15.78 3.67
C MET A 223 -4.41 -17.03 2.98
N THR A 224 -3.76 -17.91 3.74
CA THR A 224 -3.20 -19.13 3.18
C THR A 224 -4.31 -20.04 2.66
N ALA A 225 -5.40 -20.11 3.41
CA ALA A 225 -6.56 -20.90 3.01
C ALA A 225 -7.12 -20.40 1.68
N MET A 226 -7.05 -19.08 1.44
CA MET A 226 -7.55 -18.48 0.20
C MET A 226 -6.57 -18.60 -0.95
N GLY A 227 -5.38 -19.10 -0.65
CA GLY A 227 -4.37 -19.43 -1.63
C GLY A 227 -3.05 -18.68 -1.57
N ALA A 228 -2.88 -17.86 -0.54
CA ALA A 228 -1.63 -17.13 -0.43
C ALA A 228 -0.48 -17.99 0.02
N ASP A 229 0.71 -17.60 -0.41
CA ASP A 229 1.99 -18.12 -0.01
C ASP A 229 2.61 -17.12 0.94
N LEU A 230 2.65 -17.48 2.21
CA LEU A 230 3.26 -16.65 3.28
C LEU A 230 4.33 -17.49 4.01
N THR A 231 5.05 -18.31 3.24
CA THR A 231 5.98 -19.25 3.83
C THR A 231 7.38 -18.78 4.13
N ASP A 232 7.82 -17.68 3.50
CA ASP A 232 9.12 -17.12 3.79
C ASP A 232 8.97 -16.14 4.94
N VAL A 233 9.82 -16.24 5.94
CA VAL A 233 9.69 -15.43 7.15
C VAL A 233 11.00 -14.70 7.40
N GLY A 234 10.97 -13.38 7.19
CA GLY A 234 12.14 -12.51 7.32
C GLY A 234 12.15 -11.62 8.54
N MET A 235 13.29 -10.98 8.77
CA MET A 235 13.48 -10.04 9.86
C MET A 235 13.20 -8.62 9.39
N MET A 236 12.53 -7.85 10.24
CA MET A 236 12.37 -6.40 10.05
C MET A 236 12.91 -5.64 11.22
N GLY A 237 13.04 -4.32 11.07
CA GLY A 237 13.51 -3.47 12.14
C GLY A 237 12.59 -3.50 13.35
N GLY A 238 13.18 -3.49 14.52
CA GLY A 238 12.41 -3.47 15.73
C GLY A 238 11.71 -4.73 16.15
N ALA A 239 12.09 -5.87 15.59
CA ALA A 239 11.52 -7.17 15.90
C ALA A 239 12.54 -8.07 16.63
N SER A 240 12.03 -8.82 17.61
CA SER A 240 12.86 -9.71 18.41
C SER A 240 13.28 -10.96 17.67
N VAL A 241 12.46 -11.40 16.72
CA VAL A 241 12.74 -12.57 15.91
C VAL A 241 12.13 -12.32 14.53
N ASN A 242 12.45 -13.19 13.57
CA ASN A 242 11.86 -13.12 12.25
C ASN A 242 10.36 -13.43 12.35
N ARG A 243 9.55 -12.50 11.86
CA ARG A 243 8.12 -12.73 11.82
C ARG A 243 7.41 -12.09 10.63
N ALA A 244 8.15 -11.56 9.65
CA ALA A 244 7.55 -10.93 8.47
C ALA A 244 7.38 -11.97 7.37
N HIS A 245 6.13 -12.37 7.16
CA HIS A 245 5.77 -13.46 6.25
C HIS A 245 5.54 -12.89 4.84
N ARG A 246 6.00 -13.65 3.85
CA ARG A 246 5.93 -13.25 2.45
C ARG A 246 6.12 -14.47 1.57
N PRO A 247 5.88 -14.37 0.26
CA PRO A 247 6.05 -15.54 -0.61
C PRO A 247 7.47 -16.07 -0.70
N THR A 248 7.54 -17.36 -1.04
CA THR A 248 8.76 -18.09 -1.28
C THR A 248 9.82 -17.29 -2.00
N GLY A 249 11.01 -17.28 -1.42
CA GLY A 249 12.16 -16.67 -2.05
C GLY A 249 12.28 -15.19 -1.73
N GLY A 250 11.33 -14.64 -0.96
CA GLY A 250 11.39 -13.21 -0.61
C GLY A 250 10.77 -12.28 -1.64
N ALA A 251 9.75 -12.74 -2.34
CA ALA A 251 8.99 -11.88 -3.21
C ALA A 251 8.11 -10.91 -2.41
N GLY A 252 7.59 -9.93 -3.14
CA GLY A 252 6.76 -8.92 -2.51
C GLY A 252 5.47 -9.49 -1.95
N VAL A 253 5.15 -9.12 -0.73
CA VAL A 253 3.94 -9.62 -0.08
C VAL A 253 2.67 -8.97 -0.66
N GLY A 254 2.77 -7.69 -1.02
CA GLY A 254 1.59 -6.90 -1.30
C GLY A 254 0.82 -7.20 -2.56
N ALA A 255 1.53 -7.18 -3.66
CA ALA A 255 0.89 -7.52 -4.94
C ALA A 255 0.27 -8.92 -4.85
N HIS A 256 0.96 -9.82 -4.19
CA HIS A 256 0.49 -11.19 -4.01
C HIS A 256 -0.77 -11.26 -3.17
N VAL A 257 -0.77 -10.66 -1.99
CA VAL A 257 -1.92 -10.67 -1.12
C VAL A 257 -3.12 -10.01 -1.81
N VAL A 258 -2.89 -8.89 -2.48
CA VAL A 258 -3.99 -8.22 -3.16
C VAL A 258 -4.54 -9.08 -4.32
N GLN A 259 -3.67 -9.75 -5.06
CA GLN A 259 -4.13 -10.64 -6.13
C GLN A 259 -4.99 -11.79 -5.58
N VAL A 260 -4.54 -12.37 -4.48
CA VAL A 260 -5.32 -13.42 -3.83
C VAL A 260 -6.67 -12.91 -3.38
N LEU A 261 -6.71 -11.73 -2.75
CA LEU A 261 -7.95 -11.19 -2.29
C LEU A 261 -8.89 -10.86 -3.47
N TYR A 262 -8.33 -10.28 -4.53
CA TYR A 262 -9.09 -9.99 -5.77
C TYR A 262 -9.69 -11.30 -6.34
N ASP A 263 -8.87 -12.33 -6.46
CA ASP A 263 -9.35 -13.58 -7.05
C ASP A 263 -10.47 -14.15 -6.22
N ASN A 264 -10.35 -14.05 -4.90
CA ASN A 264 -11.36 -14.51 -3.98
C ASN A 264 -12.65 -13.69 -4.04
N ALA A 265 -12.55 -12.39 -4.24
CA ALA A 265 -13.70 -11.58 -4.40
C ALA A 265 -14.41 -11.92 -5.71
N VAL A 266 -13.65 -12.14 -6.78
CA VAL A 266 -14.22 -12.48 -8.09
C VAL A 266 -14.94 -13.83 -7.97
N LYS A 267 -14.35 -14.78 -7.25
CA LYS A 267 -14.96 -16.12 -7.05
C LYS A 267 -16.34 -16.03 -6.38
N ARG A 268 -16.49 -15.09 -5.45
CA ARG A 268 -17.71 -14.85 -4.71
C ARG A 268 -18.67 -13.86 -5.40
N ASN A 269 -18.31 -13.41 -6.58
CA ASN A 269 -19.12 -12.47 -7.32
C ASN A 269 -19.43 -11.19 -6.58
N ILE A 270 -18.41 -10.68 -5.91
CA ILE A 270 -18.56 -9.45 -5.18
C ILE A 270 -18.59 -8.30 -6.16
N ASP A 271 -19.57 -7.44 -5.97
CA ASP A 271 -19.80 -6.25 -6.76
C ASP A 271 -18.77 -5.17 -6.44
N LEU A 272 -17.77 -5.07 -7.31
CA LEU A 272 -16.64 -4.14 -7.22
C LEU A 272 -16.80 -3.07 -8.27
N ARG A 273 -16.77 -1.81 -7.86
CA ARG A 273 -16.99 -0.68 -8.76
C ARG A 273 -15.80 0.26 -8.71
N MET A 274 -15.11 0.38 -9.85
CA MET A 274 -13.98 1.28 -9.97
C MET A 274 -14.44 2.68 -10.32
N ASN A 275 -13.51 3.64 -10.23
CA ASN A 275 -13.79 5.03 -10.50
C ASN A 275 -15.04 5.51 -9.74
N THR A 276 -15.21 5.05 -8.52
CA THR A 276 -16.40 5.28 -7.72
C THR A 276 -15.94 5.73 -6.33
N ARG A 277 -16.13 7.02 -6.02
CA ARG A 277 -15.60 7.61 -4.82
C ARG A 277 -16.67 7.77 -3.78
N GLY A 278 -16.40 7.28 -2.58
CA GLY A 278 -17.31 7.51 -1.47
C GLY A 278 -17.18 8.97 -1.02
N ILE A 279 -18.32 9.65 -0.93
CA ILE A 279 -18.37 11.09 -0.64
C ILE A 279 -18.92 11.41 0.73
N GLU A 280 -20.03 10.77 1.10
CA GLU A 280 -20.75 11.20 2.30
C GLU A 280 -21.51 10.03 2.90
N VAL A 281 -21.19 9.68 4.14
CA VAL A 281 -21.96 8.68 4.87
C VAL A 281 -23.31 9.31 5.25
N LEU A 282 -24.38 8.60 4.96
CA LEU A 282 -25.73 9.01 5.25
C LEU A 282 -26.19 8.37 6.54
N LYS A 283 -26.77 9.20 7.41
CA LYS A 283 -27.33 8.72 8.69
C LYS A 283 -28.80 9.04 8.77
N ASP A 284 -29.52 8.17 9.47
CA ASP A 284 -30.93 8.36 9.72
C ASP A 284 -31.17 9.32 10.90
N ASP A 285 -32.44 9.41 11.33
CA ASP A 285 -32.84 10.41 12.31
C ASP A 285 -32.39 10.09 13.72
N LYS A 286 -31.92 8.87 13.95
CA LYS A 286 -31.31 8.47 15.21
C LYS A 286 -29.79 8.41 15.17
N GLY A 287 -29.21 8.88 14.06
CA GLY A 287 -27.76 8.89 13.91
C GLY A 287 -27.12 7.56 13.55
N THR A 288 -27.89 6.58 13.05
CA THR A 288 -27.29 5.34 12.54
C THR A 288 -27.11 5.41 11.03
N VAL A 289 -26.12 4.70 10.51
CA VAL A 289 -25.88 4.69 9.08
C VAL A 289 -27.11 4.18 8.35
N LYS A 290 -27.48 4.87 7.29
CA LYS A 290 -28.50 4.41 6.35
C LYS A 290 -28.00 4.22 4.93
N GLY A 291 -26.78 4.65 4.64
CA GLY A 291 -26.23 4.42 3.32
C GLY A 291 -25.06 5.34 3.04
N ILE A 292 -24.73 5.48 1.76
CA ILE A 292 -23.60 6.34 1.37
C ILE A 292 -23.85 6.98 0.01
N LEU A 293 -23.56 8.26 -0.09
CA LEU A 293 -23.53 9.00 -1.36
C LEU A 293 -22.15 8.79 -1.99
N VAL A 294 -22.15 8.37 -3.23
CA VAL A 294 -20.93 8.16 -3.98
C VAL A 294 -20.94 9.01 -5.25
N LYS A 295 -19.76 9.22 -5.84
CA LYS A 295 -19.62 9.92 -7.11
C LYS A 295 -18.91 8.99 -8.09
N GLY A 296 -19.63 8.56 -9.11
CA GLY A 296 -19.05 7.79 -10.18
C GLY A 296 -18.44 8.75 -11.18
N MET A 297 -17.21 8.47 -11.59
CA MET A 297 -16.52 9.34 -12.54
C MET A 297 -17.30 9.52 -13.83
N TYR A 298 -17.92 8.45 -14.28
CA TYR A 298 -18.61 8.43 -15.58
C TYR A 298 -20.12 8.57 -15.48
N LYS A 299 -20.72 8.10 -14.39
CA LYS A 299 -22.18 8.02 -14.22
C LYS A 299 -22.73 9.06 -13.26
N GLY A 300 -21.87 9.78 -12.54
CA GLY A 300 -22.28 10.84 -11.63
C GLY A 300 -22.64 10.40 -10.22
N TYR A 301 -23.30 11.29 -9.49
CA TYR A 301 -23.69 11.00 -8.12
C TYR A 301 -24.87 10.04 -8.02
N TYR A 302 -24.77 9.13 -7.07
CA TYR A 302 -25.89 8.30 -6.67
C TYR A 302 -25.68 7.81 -5.26
N TRP A 303 -26.71 7.27 -4.62
CA TRP A 303 -26.53 6.70 -3.29
C TRP A 303 -26.94 5.25 -3.21
N VAL A 304 -26.32 4.57 -2.26
CA VAL A 304 -26.56 3.18 -1.94
C VAL A 304 -27.15 3.15 -0.54
N LYS A 305 -28.27 2.45 -0.41
CA LYS A 305 -28.91 2.21 0.88
C LYS A 305 -28.29 0.97 1.53
N ALA A 306 -27.82 1.12 2.76
CA ALA A 306 -27.16 0.02 3.46
C ALA A 306 -27.22 0.22 4.97
N ASP A 307 -27.15 -0.89 5.71
CA ASP A 307 -27.11 -0.86 7.17
C ASP A 307 -25.74 -0.39 7.70
N ALA A 308 -24.69 -0.68 6.95
CA ALA A 308 -23.33 -0.47 7.44
C ALA A 308 -22.43 0.02 6.32
N VAL A 309 -21.49 0.88 6.68
CA VAL A 309 -20.44 1.34 5.78
C VAL A 309 -19.12 1.07 6.48
N ILE A 310 -18.18 0.46 5.76
CA ILE A 310 -16.84 0.18 6.29
C ILE A 310 -15.89 1.08 5.51
N LEU A 311 -15.27 2.03 6.21
CA LEU A 311 -14.27 2.89 5.60
C LEU A 311 -12.93 2.18 5.69
N ALA A 312 -12.39 1.85 4.52
CA ALA A 312 -11.12 1.15 4.38
C ALA A 312 -10.24 1.92 3.39
N THR A 313 -10.11 3.23 3.60
CA THR A 313 -9.62 4.14 2.57
C THR A 313 -8.14 4.46 2.62
N GLY A 314 -7.41 3.86 3.55
CA GLY A 314 -5.99 4.07 3.67
C GLY A 314 -5.61 5.40 4.30
N GLY A 315 -4.32 5.72 4.15
CA GLY A 315 -3.69 6.86 4.83
C GLY A 315 -3.66 8.12 3.98
N PHE A 316 -2.90 9.11 4.45
CA PHE A 316 -2.78 10.39 3.76
C PHE A 316 -1.34 10.76 3.43
N ALA A 317 -0.43 9.82 3.41
CA ALA A 317 0.99 10.11 3.26
C ALA A 317 1.39 10.73 1.94
N LYS A 318 0.56 10.59 0.90
CA LYS A 318 0.82 11.30 -0.37
C LYS A 318 0.59 12.82 -0.26
N ASN A 319 -0.25 13.23 0.67
CA ASN A 319 -0.67 14.64 0.80
C ASN A 319 0.31 15.40 1.67
N ASN A 320 1.38 15.90 1.05
CA ASN A 320 2.43 16.55 1.83
C ASN A 320 1.96 17.83 2.50
N GLU A 321 0.96 18.51 1.95
CA GLU A 321 0.44 19.74 2.57
C GLU A 321 -0.18 19.38 3.92
N ARG A 322 -0.99 18.32 3.96
CA ARG A 322 -1.60 17.89 5.21
C ARG A 322 -0.57 17.32 6.19
N VAL A 323 0.34 16.50 5.66
CA VAL A 323 1.42 15.97 6.45
C VAL A 323 2.22 17.11 7.11
N ALA A 324 2.60 18.10 6.33
CA ALA A 324 3.51 19.17 6.84
C ALA A 324 2.85 20.01 7.90
N LYS A 325 1.53 20.19 7.84
CA LYS A 325 0.85 20.88 8.96
C LYS A 325 0.90 20.13 10.28
N LEU A 326 0.91 18.81 10.21
CA LEU A 326 0.98 17.95 11.38
C LEU A 326 2.41 17.65 11.87
N ASP A 327 3.33 17.52 10.94
CA ASP A 327 4.73 17.30 11.24
C ASP A 327 5.59 18.09 10.25
N PRO A 328 5.91 19.33 10.62
CA PRO A 328 6.69 20.18 9.72
C PRO A 328 8.04 19.62 9.27
N SER A 329 8.60 18.68 10.04
CA SER A 329 9.89 18.08 9.67
C SER A 329 9.84 17.27 8.38
N LEU A 330 8.63 16.94 7.92
CA LEU A 330 8.41 16.18 6.70
C LEU A 330 8.00 17.02 5.50
N LYS A 331 7.98 18.35 5.65
CA LYS A 331 7.63 19.20 4.54
C LYS A 331 8.59 19.07 3.39
N GLY A 332 8.04 18.89 2.19
CA GLY A 332 8.81 18.80 0.98
C GLY A 332 9.46 17.46 0.69
N PHE A 333 9.26 16.47 1.56
CA PHE A 333 9.76 15.12 1.32
C PHE A 333 8.95 14.45 0.22
N ILE A 334 9.64 13.54 -0.49
CA ILE A 334 8.98 12.63 -1.43
C ILE A 334 8.19 11.57 -0.62
N SER A 335 7.21 10.96 -1.27
CA SER A 335 6.32 9.91 -0.71
C SER A 335 6.55 8.58 -1.43
N THR A 336 6.29 7.51 -0.69
CA THR A 336 6.25 6.16 -1.29
C THR A 336 4.90 5.81 -1.89
N ASN A 337 3.93 6.68 -1.75
CA ASN A 337 2.53 6.29 -1.89
C ASN A 337 1.94 6.41 -3.28
N GLN A 338 0.83 5.68 -3.48
CA GLN A 338 -0.01 5.84 -4.65
C GLN A 338 -0.65 7.23 -4.68
N PRO A 339 -1.00 7.73 -5.86
CA PRO A 339 -1.37 9.15 -6.01
C PRO A 339 -2.68 9.54 -5.28
N GLY A 340 -3.54 8.55 -5.02
CA GLY A 340 -4.79 8.78 -4.31
C GLY A 340 -4.76 8.81 -2.78
N ALA A 341 -3.61 8.53 -2.16
CA ALA A 341 -3.51 8.40 -0.71
C ALA A 341 -3.41 9.74 -0.01
N VAL A 342 -4.52 10.47 -0.04
CA VAL A 342 -4.52 11.90 0.36
C VAL A 342 -5.42 12.25 1.52
N GLY A 343 -6.10 11.28 2.10
CA GLY A 343 -6.87 11.42 3.33
C GLY A 343 -8.31 11.83 3.15
N ASP A 344 -8.85 11.74 1.95
CA ASP A 344 -10.25 12.07 1.71
C ASP A 344 -11.17 11.13 2.53
N GLY A 345 -10.77 9.87 2.72
CA GLY A 345 -11.53 8.97 3.57
C GLY A 345 -11.67 9.46 5.00
N LEU A 346 -10.63 10.08 5.56
CA LEU A 346 -10.74 10.70 6.89
C LEU A 346 -11.73 11.84 6.92
N ASP A 347 -11.79 12.61 5.84
CA ASP A 347 -12.71 13.70 5.75
C ASP A 347 -14.12 13.15 5.79
N VAL A 348 -14.35 12.06 5.05
CA VAL A 348 -15.66 11.38 5.07
C VAL A 348 -15.99 10.88 6.49
N ALA A 349 -15.00 10.33 7.17
CA ALA A 349 -15.20 9.83 8.51
C ALA A 349 -15.54 10.98 9.46
N GLU A 350 -14.84 12.11 9.37
CA GLU A 350 -15.12 13.24 10.27
C GLU A 350 -16.47 13.88 10.02
N ASN A 351 -16.84 13.98 8.75
CA ASN A 351 -18.13 14.53 8.40
C ASN A 351 -19.28 13.67 8.95
N ALA A 352 -19.02 12.37 9.10
CA ALA A 352 -20.01 11.41 9.65
C ALA A 352 -20.00 11.38 11.17
N GLY A 353 -19.13 12.17 11.80
CA GLY A 353 -19.08 12.32 13.25
C GLY A 353 -17.91 11.61 13.91
N GLY A 354 -17.12 10.87 13.14
CA GLY A 354 -15.96 10.22 13.68
C GLY A 354 -14.85 11.12 14.16
N ALA A 355 -14.28 10.77 15.29
CA ALA A 355 -13.15 11.53 15.84
C ALA A 355 -11.87 10.93 15.27
N LEU A 356 -10.83 11.75 15.18
CA LEU A 356 -9.49 11.29 14.81
C LEU A 356 -8.60 11.28 16.02
N LYS A 357 -7.55 10.48 15.96
CA LYS A 357 -6.54 10.45 16.98
C LYS A 357 -5.17 10.14 16.41
N ASP A 358 -4.12 10.53 17.11
CA ASP A 358 -2.73 10.23 16.75
C ASP A 358 -2.27 10.78 15.40
N MET A 359 -2.95 11.80 14.90
CA MET A 359 -2.70 12.32 13.57
C MET A 359 -1.30 12.88 13.38
N GLN A 360 -0.71 13.37 14.46
CA GLN A 360 0.59 13.98 14.41
C GLN A 360 1.74 12.98 14.18
N TYR A 361 1.44 11.68 14.29
CA TYR A 361 2.47 10.62 14.20
C TYR A 361 2.50 10.09 12.76
N ILE A 362 3.50 10.50 12.03
CA ILE A 362 3.63 10.20 10.60
C ILE A 362 5.00 9.59 10.39
N GLN A 363 5.03 8.44 9.73
CA GLN A 363 6.25 7.69 9.51
C GLN A 363 6.87 8.02 8.17
N ALA A 364 8.16 8.35 8.22
CA ALA A 364 9.02 8.31 7.06
C ALA A 364 9.67 6.94 6.99
N HIS A 365 9.59 6.34 5.82
CA HIS A 365 10.38 5.14 5.55
C HIS A 365 11.82 5.59 5.34
N PRO A 366 12.79 4.96 5.98
CA PRO A 366 14.17 5.46 5.88
C PRO A 366 14.85 5.25 4.52
N THR A 367 14.37 4.34 3.69
CA THR A 367 15.10 4.01 2.49
C THR A 367 14.28 4.04 1.21
N LEU A 368 14.05 5.24 0.68
CA LEU A 368 13.57 5.38 -0.70
C LEU A 368 14.78 5.52 -1.61
N SER A 369 14.71 4.96 -2.80
CA SER A 369 15.75 5.11 -3.79
C SER A 369 15.81 6.57 -4.23
N VAL A 370 16.99 7.17 -4.11
CA VAL A 370 17.19 8.53 -4.61
C VAL A 370 16.97 8.54 -6.13
N LYS A 371 17.53 7.56 -6.82
CA LYS A 371 17.46 7.51 -8.27
C LYS A 371 16.05 7.25 -8.79
N GLY A 372 15.35 6.27 -8.21
CA GLY A 372 14.03 5.93 -8.71
C GLY A 372 12.82 6.48 -7.98
N GLY A 373 13.01 7.10 -6.84
CA GLY A 373 11.92 7.60 -6.01
C GLY A 373 11.19 6.58 -5.14
N VAL A 374 11.27 5.32 -5.49
CA VAL A 374 10.40 4.33 -4.90
C VAL A 374 11.00 3.74 -3.63
N MET A 375 10.12 3.20 -2.78
CA MET A 375 10.56 2.51 -1.58
C MET A 375 11.48 1.36 -1.93
N VAL A 376 12.56 1.24 -1.17
CA VAL A 376 13.43 0.06 -1.19
C VAL A 376 13.19 -0.69 0.10
N THR A 377 12.79 -1.95 0.00
CA THR A 377 12.29 -2.62 1.19
C THR A 377 13.32 -2.75 2.31
N GLU A 378 12.80 -2.60 3.54
CA GLU A 378 13.54 -2.85 4.76
C GLU A 378 14.04 -4.28 4.80
N ALA A 379 13.40 -5.16 4.02
CA ALA A 379 13.86 -6.54 3.96
C ALA A 379 15.25 -6.64 3.38
N VAL A 380 15.71 -5.66 2.58
CA VAL A 380 17.09 -5.65 2.13
C VAL A 380 18.05 -5.62 3.32
N ARG A 381 17.77 -4.75 4.29
CA ARG A 381 18.52 -4.70 5.54
C ARG A 381 18.27 -5.92 6.40
N GLY A 382 17.02 -6.34 6.51
CA GLY A 382 16.74 -7.48 7.37
C GLY A 382 17.45 -8.73 6.91
N ASN A 383 17.62 -8.89 5.61
CA ASN A 383 18.28 -10.07 5.07
C ASN A 383 19.80 -9.91 4.99
N GLY A 384 20.32 -8.76 5.42
CA GLY A 384 21.74 -8.64 5.66
C GLY A 384 22.49 -7.41 5.17
N ALA A 385 21.88 -6.57 4.37
CA ALA A 385 22.55 -5.36 3.87
C ALA A 385 22.93 -4.45 5.01
N ILE A 386 24.00 -3.72 4.75
CA ILE A 386 24.38 -2.59 5.64
C ILE A 386 24.08 -1.25 5.00
N LEU A 387 24.20 -0.20 5.80
CA LEU A 387 24.17 1.15 5.28
C LEU A 387 25.54 1.78 5.47
N VAL A 388 25.99 2.49 4.45
CA VAL A 388 27.20 3.31 4.56
C VAL A 388 26.94 4.73 4.12
N ASN A 389 27.72 5.67 4.65
CA ASN A 389 27.67 7.04 4.20
C ASN A 389 28.68 7.28 3.07
N ARG A 390 28.81 8.52 2.62
CA ARG A 390 29.73 8.84 1.52
C ARG A 390 31.18 8.65 1.92
N GLU A 391 31.42 8.68 3.23
CA GLU A 391 32.76 8.45 3.77
C GLU A 391 33.10 6.95 3.82
N GLY A 392 32.15 6.10 3.42
CA GLY A 392 32.33 4.67 3.32
C GLY A 392 32.27 3.92 4.64
N LYS A 393 31.62 4.53 5.62
CA LYS A 393 31.50 3.94 6.94
C LYS A 393 30.05 3.60 7.31
N ARG A 394 29.89 2.59 8.15
CA ARG A 394 28.63 2.37 8.86
C ARG A 394 28.42 3.49 9.85
N PHE A 395 27.15 3.76 10.12
CA PHE A 395 26.76 4.89 11.00
C PHE A 395 25.51 4.63 11.85
N VAL A 396 24.88 3.47 11.67
CA VAL A 396 23.65 3.14 12.36
C VAL A 396 23.41 1.64 12.38
N ASN A 397 22.71 1.17 13.39
CA ASN A 397 22.12 -0.15 13.44
C ASN A 397 21.01 -0.18 12.36
N GLU A 398 21.24 -0.95 11.32
CA GLU A 398 20.38 -0.90 10.14
C GLU A 398 19.01 -1.52 10.39
N ILE A 399 18.80 -2.23 11.50
CA ILE A 399 17.49 -2.81 11.81
C ILE A 399 16.88 -2.23 13.07
N THR A 400 17.19 -0.99 13.32
CA THR A 400 16.51 -0.27 14.37
C THR A 400 15.16 0.19 13.82
N THR A 401 14.40 0.92 14.63
CA THR A 401 13.12 1.45 14.21
C THR A 401 13.28 2.62 13.22
N ARG A 402 12.22 2.94 12.52
CA ARG A 402 12.31 3.78 11.33
C ARG A 402 12.54 5.23 11.64
N ASP A 403 12.01 5.66 12.78
CA ASP A 403 12.29 6.99 13.28
C ASP A 403 13.82 7.23 13.40
N LYS A 404 14.48 6.31 14.07
CA LYS A 404 15.91 6.43 14.33
C LYS A 404 16.73 6.23 13.05
N ALA A 405 16.31 5.27 12.22
CA ALA A 405 17.05 5.04 10.99
C ALA A 405 16.97 6.25 10.06
N SER A 406 15.78 6.84 9.94
CA SER A 406 15.60 8.01 9.08
C SER A 406 16.44 9.20 9.55
N ALA A 407 16.41 9.45 10.86
CA ALA A 407 17.22 10.50 11.46
C ALA A 407 18.70 10.29 11.16
N ALA A 408 19.18 9.06 11.30
CA ALA A 408 20.59 8.74 11.10
C ALA A 408 20.98 9.04 9.66
N ILE A 409 20.14 8.62 8.71
CA ILE A 409 20.48 8.83 7.31
C ILE A 409 20.50 10.33 6.96
N LEU A 410 19.50 11.06 7.45
CA LEU A 410 19.43 12.49 7.20
C LEU A 410 20.62 13.26 7.81
N ALA A 411 21.24 12.70 8.83
CA ALA A 411 22.40 13.31 9.47
C ALA A 411 23.71 13.11 8.69
N GLN A 412 23.72 12.21 7.72
CA GLN A 412 24.91 11.95 6.95
C GLN A 412 25.12 12.97 5.86
N THR A 413 26.34 13.01 5.36
CA THR A 413 26.75 13.92 4.31
C THR A 413 25.88 13.73 3.07
N GLY A 414 25.29 14.82 2.56
CA GLY A 414 24.33 14.76 1.48
C GLY A 414 22.90 14.35 1.85
N LYS A 415 22.64 14.09 3.12
CA LYS A 415 21.33 13.65 3.60
C LYS A 415 20.84 12.36 2.93
N SER A 416 21.79 11.51 2.57
CA SER A 416 21.48 10.21 2.01
C SER A 416 22.59 9.26 2.36
N ALA A 417 22.33 7.97 2.13
CA ALA A 417 23.29 6.92 2.44
C ALA A 417 23.15 5.85 1.36
N TYR A 418 23.89 4.78 1.50
CA TYR A 418 23.88 3.68 0.51
C TYR A 418 23.66 2.35 1.21
N LEU A 419 22.66 1.61 0.73
CA LEU A 419 22.61 0.19 1.03
C LEU A 419 23.74 -0.49 0.29
N ILE A 420 24.47 -1.35 0.99
CA ILE A 420 25.55 -2.16 0.43
C ILE A 420 25.27 -3.63 0.71
N PHE A 421 25.36 -4.45 -0.35
CA PHE A 421 25.14 -5.88 -0.18
C PHE A 421 25.84 -6.62 -1.31
N ASP A 422 25.81 -7.95 -1.20
CA ASP A 422 26.48 -8.85 -2.15
C ASP A 422 25.46 -9.75 -2.80
N ASP A 423 25.95 -10.74 -3.55
CA ASP A 423 25.06 -11.72 -4.15
C ASP A 423 24.40 -12.69 -3.17
N SER A 424 25.01 -12.96 -2.01
CA SER A 424 24.33 -13.81 -1.04
C SER A 424 23.05 -13.13 -0.53
N VAL A 425 23.13 -11.84 -0.26
CA VAL A 425 21.93 -11.11 0.14
C VAL A 425 20.95 -11.08 -1.03
N ARG A 426 21.44 -10.81 -2.21
CA ARG A 426 20.57 -10.71 -3.40
C ARG A 426 19.79 -12.00 -3.61
N LYS A 427 20.49 -13.12 -3.58
CA LYS A 427 19.85 -14.43 -3.80
C LYS A 427 18.86 -14.81 -2.69
N SER A 428 19.03 -14.25 -1.50
CA SER A 428 18.13 -14.49 -0.40
C SER A 428 16.79 -13.75 -0.48
N LEU A 429 16.69 -12.72 -1.33
CA LEU A 429 15.49 -11.89 -1.34
C LEU A 429 15.20 -11.48 -2.76
N SER A 430 14.30 -12.22 -3.43
CA SER A 430 14.08 -12.01 -4.84
C SER A 430 13.61 -10.60 -5.20
N LYS A 431 12.95 -9.91 -4.24
CA LYS A 431 12.56 -8.53 -4.45
C LYS A 431 13.74 -7.66 -4.88
N ILE A 432 14.96 -8.00 -4.43
CA ILE A 432 16.12 -7.22 -4.84
C ILE A 432 16.33 -7.16 -6.34
N ASP A 433 15.99 -8.26 -7.02
CA ASP A 433 16.07 -8.27 -8.48
C ASP A 433 15.19 -7.22 -9.15
N LYS A 434 14.12 -6.81 -8.48
CA LYS A 434 13.28 -5.73 -8.98
C LYS A 434 14.02 -4.38 -8.97
N TYR A 435 14.81 -4.12 -7.93
CA TYR A 435 15.59 -2.87 -7.90
C TYR A 435 16.68 -2.88 -8.96
N ILE A 436 17.27 -4.05 -9.21
CA ILE A 436 18.31 -4.15 -10.22
C ILE A 436 17.65 -3.86 -11.59
N GLY A 437 16.49 -4.43 -11.83
CA GLY A 437 15.72 -4.18 -13.04
C GLY A 437 15.32 -2.74 -13.23
N LEU A 438 14.99 -2.06 -12.13
CA LEU A 438 14.66 -0.64 -12.18
C LEU A 438 15.86 0.25 -12.51
N GLY A 439 17.06 -0.29 -12.33
CA GLY A 439 18.30 0.38 -12.66
C GLY A 439 18.88 1.18 -11.51
N VAL A 440 18.46 0.87 -10.29
CA VAL A 440 18.87 1.64 -9.10
C VAL A 440 19.87 0.91 -8.21
N ALA A 441 20.41 -0.21 -8.67
CA ALA A 441 21.34 -1.00 -7.86
C ALA A 441 22.64 -1.24 -8.65
N PRO A 442 23.41 -0.18 -8.89
CA PRO A 442 24.69 -0.34 -9.60
C PRO A 442 25.57 -1.37 -8.89
N THR A 443 26.40 -2.04 -9.68
CA THR A 443 27.14 -3.20 -9.20
C THR A 443 28.57 -3.19 -9.74
N ALA A 444 29.46 -3.82 -9.01
CA ALA A 444 30.85 -4.04 -9.45
C ALA A 444 31.46 -5.22 -8.75
N ASP A 445 32.57 -5.74 -9.28
CA ASP A 445 33.20 -6.91 -8.67
C ASP A 445 34.16 -6.59 -7.53
N SER A 446 34.31 -5.31 -7.21
CA SER A 446 35.02 -4.91 -6.02
C SER A 446 34.39 -3.68 -5.42
N LEU A 447 34.59 -3.50 -4.12
CA LEU A 447 34.09 -2.32 -3.43
C LEU A 447 34.85 -1.04 -3.79
N VAL A 448 36.14 -1.14 -4.17
CA VAL A 448 36.86 0.04 -4.64
C VAL A 448 36.22 0.55 -5.94
N LYS A 449 35.88 -0.36 -6.84
CA LYS A 449 35.24 0.03 -8.12
C LYS A 449 33.84 0.61 -7.87
N LEU A 450 33.05 -0.07 -7.04
CA LEU A 450 31.71 0.39 -6.69
C LEU A 450 31.75 1.76 -6.04
N GLY A 451 32.70 1.96 -5.15
CA GLY A 451 32.88 3.25 -4.49
C GLY A 451 33.21 4.38 -5.46
N LYS A 452 34.11 4.10 -6.38
CA LYS A 452 34.46 5.07 -7.40
C LYS A 452 33.24 5.43 -8.25
N MET A 453 32.46 4.41 -8.62
CA MET A 453 31.25 4.61 -9.41
C MET A 453 30.26 5.55 -8.74
N GLU A 454 30.08 5.40 -7.43
CA GLU A 454 29.01 6.06 -6.68
C GLU A 454 29.40 7.24 -5.81
N GLY A 455 30.68 7.57 -5.76
CA GLY A 455 31.15 8.65 -4.90
C GLY A 455 31.22 8.29 -3.44
N ILE A 456 31.55 7.03 -3.16
CA ILE A 456 31.85 6.54 -1.82
C ILE A 456 33.36 6.26 -1.77
N ASP A 457 34.00 6.68 -0.67
CA ASP A 457 35.43 6.40 -0.46
C ASP A 457 35.65 4.88 -0.55
N GLY A 458 36.38 4.44 -1.56
CA GLY A 458 36.46 3.02 -1.92
C GLY A 458 37.33 2.23 -0.97
N LYS A 459 38.41 2.83 -0.48
CA LYS A 459 39.25 2.18 0.51
C LYS A 459 38.49 2.01 1.83
N ALA A 460 37.84 3.08 2.28
CA ALA A 460 37.08 3.01 3.50
C ALA A 460 35.94 1.99 3.39
N LEU A 461 35.26 1.98 2.24
CA LEU A 461 34.18 1.02 2.00
C LEU A 461 34.67 -0.43 2.10
N THR A 462 35.82 -0.69 1.49
CA THR A 462 36.39 -2.03 1.49
C THR A 462 36.67 -2.46 2.93
N GLU A 463 37.29 -1.56 3.69
CA GLU A 463 37.67 -1.86 5.06
C GLU A 463 36.43 -2.00 5.94
N THR A 464 35.39 -1.23 5.65
CA THR A 464 34.12 -1.27 6.39
C THR A 464 33.43 -2.61 6.27
N VAL A 465 33.40 -3.14 5.06
CA VAL A 465 32.77 -4.44 4.82
C VAL A 465 33.60 -5.56 5.41
N ALA A 466 34.92 -5.46 5.30
CA ALA A 466 35.77 -6.43 5.98
C ALA A 466 35.54 -6.46 7.50
N ARG A 467 35.47 -5.27 8.09
CA ARG A 467 35.22 -5.14 9.52
C ARG A 467 33.84 -5.71 9.88
N TYR A 468 32.84 -5.34 9.09
CA TYR A 468 31.50 -5.82 9.34
C TYR A 468 31.43 -7.35 9.26
N ASN A 469 32.06 -7.93 8.26
CA ASN A 469 32.05 -9.37 8.10
C ASN A 469 32.72 -10.06 9.29
N SER A 470 33.75 -9.44 9.83
CA SER A 470 34.39 -9.96 11.04
C SER A 470 33.43 -9.94 12.21
N LEU A 471 32.60 -8.90 12.32
CA LEU A 471 31.62 -8.82 13.40
C LEU A 471 30.54 -9.89 13.21
N VAL A 472 30.18 -10.16 11.95
CA VAL A 472 29.20 -11.21 11.67
C VAL A 472 29.76 -12.57 12.14
N SER A 473 31.04 -12.81 11.87
CA SER A 473 31.64 -14.11 12.19
C SER A 473 31.74 -14.27 13.71
N SER A 474 32.03 -13.18 14.42
CA SER A 474 32.18 -13.24 15.87
C SER A 474 30.83 -13.19 16.61
N GLY A 475 29.75 -12.86 15.90
CA GLY A 475 28.41 -12.89 16.46
C GLY A 475 27.93 -11.64 17.19
N LYS A 476 28.69 -10.56 17.14
CA LYS A 476 28.32 -9.35 17.90
C LYS A 476 28.76 -8.09 17.18
N ASP A 477 27.82 -7.19 16.91
CA ASP A 477 28.13 -5.91 16.33
C ASP A 477 28.49 -4.92 17.44
N THR A 478 29.78 -4.84 17.75
CA THR A 478 30.28 -3.93 18.79
C THR A 478 30.30 -2.46 18.37
N ASP A 479 30.12 -2.20 17.07
CA ASP A 479 30.10 -0.83 16.55
C ASP A 479 28.73 -0.15 16.73
N PHE A 480 27.66 -0.82 16.32
CA PHE A 480 26.30 -0.23 16.35
C PHE A 480 25.22 -1.09 17.02
N GLU A 481 25.63 -2.21 17.61
CA GLU A 481 24.75 -3.08 18.38
C GLU A 481 23.56 -3.62 17.60
N ARG A 482 23.72 -3.75 16.28
CA ARG A 482 22.74 -4.47 15.48
C ARG A 482 22.55 -5.89 16.02
N PRO A 483 21.33 -6.26 16.41
CA PRO A 483 21.12 -7.53 17.14
C PRO A 483 21.02 -8.80 16.28
N ASN A 484 20.93 -8.66 14.96
CA ASN A 484 20.79 -9.78 14.04
C ASN A 484 21.76 -9.58 12.87
N LEU A 485 22.66 -10.54 12.67
CA LEU A 485 23.75 -10.43 11.70
C LEU A 485 23.71 -11.67 10.81
N PRO A 486 22.80 -11.69 9.84
CA PRO A 486 22.44 -12.96 9.21
C PRO A 486 23.40 -13.49 8.16
N ARG A 487 24.17 -12.60 7.55
CA ARG A 487 25.00 -12.95 6.40
C ARG A 487 26.21 -12.11 6.35
N ALA A 488 27.33 -12.72 5.94
CA ALA A 488 28.49 -11.95 5.56
C ALA A 488 28.32 -11.46 4.12
N LEU A 489 28.85 -10.27 3.83
CA LEU A 489 28.77 -9.66 2.52
C LEU A 489 30.04 -10.02 1.76
N ASN A 490 30.06 -11.24 1.22
CA ASN A 490 31.29 -11.80 0.64
C ASN A 490 31.11 -12.80 -0.50
N GLU A 491 29.95 -12.82 -1.13
CA GLU A 491 29.73 -13.72 -2.25
C GLU A 491 29.48 -12.93 -3.51
N GLY A 492 30.29 -13.14 -4.54
CA GLY A 492 30.02 -12.59 -5.83
C GLY A 492 30.28 -11.11 -5.89
N ASN A 493 29.42 -10.41 -6.63
CA ASN A 493 29.50 -8.97 -6.80
C ASN A 493 28.85 -8.19 -5.67
N TYR A 494 29.18 -6.91 -5.64
CA TYR A 494 28.64 -5.97 -4.67
C TYR A 494 27.68 -5.01 -5.33
N TYR A 495 26.73 -4.50 -4.54
CA TYR A 495 25.69 -3.61 -5.04
C TYR A 495 25.57 -2.41 -4.10
N ALA A 496 25.24 -1.26 -4.67
CA ALA A 496 24.96 -0.06 -3.87
C ALA A 496 23.60 0.49 -4.30
N ILE A 497 22.78 0.90 -3.34
CA ILE A 497 21.55 1.64 -3.67
C ILE A 497 21.54 2.93 -2.82
N GLU A 498 21.55 4.07 -3.49
CA GLU A 498 21.47 5.35 -2.77
C GLU A 498 20.06 5.54 -2.25
N VAL A 499 19.93 5.80 -0.95
CA VAL A 499 18.65 5.89 -0.25
C VAL A 499 18.50 7.12 0.64
N THR A 500 17.27 7.58 0.78
CA THR A 500 16.97 8.73 1.68
C THR A 500 15.54 8.58 2.15
N PRO A 501 15.19 9.15 3.30
CA PRO A 501 13.82 8.98 3.78
C PRO A 501 12.73 9.63 2.96
N GLY A 502 11.54 9.05 3.03
CA GLY A 502 10.36 9.57 2.35
C GLY A 502 9.09 9.29 3.15
N VAL A 503 8.07 10.12 2.96
CA VAL A 503 6.83 10.00 3.75
C VAL A 503 6.16 8.71 3.33
N HIS A 504 5.65 7.94 4.30
CA HIS A 504 5.24 6.55 4.01
C HIS A 504 3.91 6.08 4.59
N HIS A 505 3.65 6.38 5.86
CA HIS A 505 2.50 5.81 6.57
C HIS A 505 2.00 6.78 7.62
N THR A 506 0.70 6.93 7.71
CA THR A 506 0.09 7.83 8.69
C THR A 506 -0.51 6.96 9.78
N MET A 507 0.15 6.91 10.93
CA MET A 507 -0.30 6.11 12.07
C MET A 507 -1.62 6.58 12.69
N GLY A 508 -1.93 7.87 12.56
CA GLY A 508 -3.19 8.36 13.05
C GLY A 508 -4.36 8.11 12.14
N GLY A 509 -5.55 8.49 12.55
CA GLY A 509 -6.74 8.40 11.73
C GLY A 509 -7.96 8.23 12.60
N VAL A 510 -8.98 7.56 12.07
CA VAL A 510 -10.26 7.48 12.74
C VAL A 510 -10.18 6.58 13.95
N MET A 511 -10.82 7.03 15.05
CA MET A 511 -10.83 6.30 16.29
C MET A 511 -11.80 5.12 16.18
N ILE A 512 -11.28 3.92 16.37
CA ILE A 512 -12.08 2.71 16.42
C ILE A 512 -11.90 1.97 17.74
N ASP A 513 -12.88 1.14 18.05
CA ASP A 513 -12.76 0.21 19.15
C ASP A 513 -12.30 -1.15 18.65
N THR A 514 -12.28 -2.16 19.52
CA THR A 514 -11.76 -3.47 19.16
C THR A 514 -12.65 -4.26 18.22
N LYS A 515 -13.85 -3.75 17.94
CA LYS A 515 -14.73 -4.34 16.93
C LYS A 515 -14.74 -3.51 15.64
N ALA A 516 -13.74 -2.64 15.48
CA ALA A 516 -13.61 -1.74 14.33
C ALA A 516 -14.75 -0.75 14.19
N GLU A 517 -15.49 -0.50 15.27
CA GLU A 517 -16.57 0.48 15.23
C GLU A 517 -15.99 1.89 15.42
N VAL A 518 -16.39 2.82 14.56
CA VAL A 518 -15.95 4.21 14.63
C VAL A 518 -16.64 4.90 15.80
N MET A 519 -15.86 5.69 16.53
CA MET A 519 -16.37 6.42 17.68
C MET A 519 -16.27 7.91 17.46
N ASN A 520 -17.17 8.67 18.07
CA ASN A 520 -17.10 10.14 18.05
C ASN A 520 -16.18 10.64 19.20
N ALA A 521 -16.06 11.96 19.35
CA ALA A 521 -15.11 12.50 20.31
C ALA A 521 -15.45 12.19 21.78
N LYS A 522 -16.73 11.90 22.05
CA LYS A 522 -17.16 11.43 23.38
C LYS A 522 -16.99 9.92 23.57
N LYS A 523 -16.34 9.27 22.62
CA LYS A 523 -16.12 7.83 22.65
C LYS A 523 -17.43 7.04 22.59
N GLN A 524 -18.43 7.64 21.92
CA GLN A 524 -19.70 6.97 21.63
C GLN A 524 -19.61 6.33 20.23
N VAL A 525 -20.01 5.07 20.11
CA VAL A 525 -20.08 4.38 18.81
C VAL A 525 -21.09 5.05 17.88
N ILE A 526 -20.70 5.21 16.61
CA ILE A 526 -21.63 5.62 15.55
C ILE A 526 -22.20 4.35 14.94
N PRO A 527 -23.44 4.01 15.21
CA PRO A 527 -23.94 2.69 14.80
C PRO A 527 -23.91 2.50 13.29
N GLY A 528 -23.35 1.38 12.83
CA GLY A 528 -23.27 1.07 11.41
C GLY A 528 -21.99 1.53 10.72
N LEU A 529 -21.14 2.31 11.40
CA LEU A 529 -19.93 2.87 10.80
C LEU A 529 -18.69 2.19 11.34
N TYR A 530 -17.87 1.67 10.43
CA TYR A 530 -16.68 0.91 10.79
C TYR A 530 -15.50 1.49 10.06
N GLY A 531 -14.31 1.28 10.61
CA GLY A 531 -13.07 1.66 9.96
C GLY A 531 -12.04 0.57 10.10
N ALA A 532 -11.22 0.33 9.07
CA ALA A 532 -10.21 -0.69 9.13
C ALA A 532 -9.03 -0.30 8.27
N GLY A 533 -7.84 -0.54 8.78
CA GLY A 533 -6.62 -0.36 8.03
C GLY A 533 -5.95 0.95 8.36
N GLU A 534 -5.15 1.45 7.43
CA GLU A 534 -4.35 2.66 7.69
C GLU A 534 -5.23 3.88 7.92
N VAL A 535 -6.50 3.86 7.51
CA VAL A 535 -7.41 4.96 7.83
C VAL A 535 -7.62 5.09 9.35
N THR A 536 -7.33 4.05 10.12
CA THR A 536 -7.59 4.12 11.56
C THR A 536 -6.38 4.65 12.33
N GLY A 537 -6.66 5.12 13.54
CA GLY A 537 -5.63 5.48 14.51
C GLY A 537 -5.70 4.63 15.75
N GLY A 538 -4.56 4.54 16.45
CA GLY A 538 -4.44 3.83 17.70
C GLY A 538 -3.75 2.48 17.67
N VAL A 539 -3.59 1.88 16.48
CA VAL A 539 -2.96 0.57 16.37
C VAL A 539 -1.45 0.68 16.49
N HIS A 540 -0.84 1.70 15.88
CA HIS A 540 0.61 1.77 15.68
C HIS A 540 1.37 2.83 16.49
N GLY A 541 0.64 3.73 17.14
CA GLY A 541 1.25 4.75 18.00
C GLY A 541 2.21 5.68 17.29
N ALA A 542 3.34 5.99 17.95
CA ALA A 542 4.25 6.98 17.43
C ALA A 542 5.19 6.48 16.36
N ASN A 543 5.20 5.16 16.13
CA ASN A 543 6.10 4.57 15.13
C ASN A 543 5.64 3.16 14.85
N ARG A 544 5.26 2.91 13.60
CA ARG A 544 4.81 1.59 13.21
C ARG A 544 6.01 0.69 12.96
N LEU A 545 5.91 -0.58 13.35
CA LEU A 545 6.91 -1.56 12.98
C LEU A 545 6.70 -2.01 11.54
N GLY A 546 7.80 -2.16 10.82
CA GLY A 546 7.79 -2.82 9.52
C GLY A 546 7.12 -4.20 9.61
N GLY A 547 6.19 -4.44 8.70
CA GLY A 547 5.42 -5.68 8.70
C GLY A 547 4.08 -5.60 9.38
N ASN A 548 3.85 -4.55 10.20
CA ASN A 548 2.66 -4.49 11.01
C ASN A 548 1.44 -3.92 10.29
N ALA A 549 1.66 -3.23 9.18
CA ALA A 549 0.52 -2.65 8.43
C ALA A 549 -0.25 -3.70 7.66
N ILE A 550 0.44 -4.60 6.95
CA ILE A 550 -0.30 -5.66 6.27
C ILE A 550 -1.03 -6.57 7.30
N SER A 551 -0.39 -6.80 8.44
CA SER A 551 -1.04 -7.56 9.49
C SER A 551 -2.34 -6.90 9.93
N ASP A 552 -2.23 -5.60 10.21
CA ASP A 552 -3.35 -4.75 10.56
C ASP A 552 -4.49 -4.85 9.55
N ILE A 553 -4.22 -4.62 8.29
CA ILE A 553 -5.32 -4.47 7.35
C ILE A 553 -6.09 -5.78 7.13
N ILE A 554 -5.40 -6.91 7.17
CA ILE A 554 -6.10 -8.21 7.04
C ILE A 554 -6.91 -8.48 8.29
N THR A 555 -6.28 -8.34 9.47
CA THR A 555 -6.99 -8.55 10.74
C THR A 555 -8.20 -7.66 10.94
N PHE A 556 -7.98 -6.34 10.83
CA PHE A 556 -9.07 -5.40 11.06
C PHE A 556 -10.10 -5.33 9.92
N GLY A 557 -9.66 -5.54 8.69
CA GLY A 557 -10.58 -5.66 7.59
C GLY A 557 -11.53 -6.84 7.76
N ARG A 558 -10.95 -8.00 8.03
CA ARG A 558 -11.74 -9.19 8.24
C ARG A 558 -12.69 -9.02 9.42
N LEU A 559 -12.20 -8.48 10.54
CA LEU A 559 -13.03 -8.23 11.72
C LEU A 559 -14.19 -7.26 11.40
N ALA A 560 -13.88 -6.19 10.68
CA ALA A 560 -14.89 -5.20 10.34
C ALA A 560 -15.99 -5.79 9.47
N GLY A 561 -15.65 -6.64 8.51
CA GLY A 561 -16.62 -7.27 7.65
C GLY A 561 -17.54 -8.21 8.44
N GLU A 562 -16.96 -8.95 9.38
CA GLU A 562 -17.76 -9.85 10.20
C GLU A 562 -18.67 -9.07 11.14
N GLU A 563 -18.14 -8.03 11.78
CA GLU A 563 -18.95 -7.21 12.68
C GLU A 563 -20.07 -6.50 11.93
N ALA A 564 -19.76 -5.95 10.75
CA ALA A 564 -20.76 -5.24 9.96
C ALA A 564 -21.86 -6.19 9.52
N ALA A 565 -21.50 -7.40 9.14
CA ALA A 565 -22.49 -8.40 8.69
C ALA A 565 -23.42 -8.75 9.86
N LYS A 566 -22.85 -8.91 11.03
CA LYS A 566 -23.62 -9.29 12.25
C LYS A 566 -24.58 -8.14 12.59
N TYR A 567 -24.07 -6.92 12.53
CA TYR A 567 -24.87 -5.73 12.79
C TYR A 567 -26.04 -5.61 11.83
N SER A 568 -25.77 -5.83 10.55
CA SER A 568 -26.78 -5.76 9.52
C SER A 568 -27.80 -6.87 9.72
NA NA B . -3.53 5.33 10.45
FE HEC C . -17.56 7.41 -26.93
CHA HEC C . -17.70 8.45 -23.68
CHB HEC C . -20.26 9.35 -27.70
CHC HEC C . -17.04 6.81 -30.27
CHD HEC C . -15.29 5.01 -26.14
NA HEC C . -18.72 8.61 -25.89
C1A HEC C . -18.64 8.97 -24.57
C2A HEC C . -19.67 9.93 -24.23
C3A HEC C . -20.36 10.18 -25.35
C4A HEC C . -19.78 9.38 -26.39
CMA HEC C . -21.59 11.13 -25.56
CAA HEC C . -19.91 10.55 -22.84
CBA HEC C . -21.06 9.79 -22.21
CGA HEC C . -21.34 10.28 -20.80
O1A HEC C . -22.35 9.75 -20.21
O2A HEC C . -20.60 11.16 -20.28
NB HEC C . -18.47 7.97 -28.65
C1B HEC C . -19.62 8.74 -28.74
C2B HEC C . -20.00 8.77 -30.14
C3B HEC C . -19.09 8.07 -30.84
C4B HEC C . -18.11 7.57 -29.92
CMB HEC C . -21.25 9.47 -30.69
CAB HEC C . -19.00 7.83 -32.35
CBB HEC C . -18.92 8.96 -33.10
NC HEC C . -16.40 6.18 -28.00
C1C HEC C . -16.30 6.07 -29.37
C2C HEC C . -15.29 5.10 -29.71
C3C HEC C . -14.80 4.60 -28.55
C4C HEC C . -15.50 5.28 -27.48
CMC HEC C . -14.91 4.71 -31.15
CAC HEC C . -13.71 3.52 -28.34
CBC HEC C . -12.52 3.66 -28.99
ND HEC C . -16.67 6.80 -25.22
C1D HEC C . -15.73 5.79 -25.12
C2D HEC C . -15.28 5.71 -23.77
C3D HEC C . -15.99 6.77 -23.03
C4D HEC C . -16.86 7.43 -23.99
CMD HEC C . -14.22 4.74 -23.20
CAD HEC C . -15.78 7.14 -21.56
CBD HEC C . -15.07 8.49 -21.55
CGD HEC C . -13.80 8.55 -22.36
O1D HEC C . -13.60 9.53 -23.12
O2D HEC C . -12.94 7.64 -22.19
FE HEC D . -8.13 0.33 -30.91
CHA HEC D . -5.65 1.55 -32.81
CHB HEC D . -6.56 1.42 -28.08
CHC HEC D . -11.06 -0.04 -29.19
CHD HEC D . -9.37 -1.57 -33.44
NA HEC D . -6.43 1.28 -30.53
C1A HEC D . -5.54 1.75 -31.44
C2A HEC D . -4.49 2.49 -30.81
C3A HEC D . -4.72 2.46 -29.48
C4A HEC D . -5.95 1.70 -29.29
CMA HEC D . -3.88 3.12 -28.36
CAA HEC D . -3.33 3.21 -31.53
CBA HEC D . -3.89 4.55 -32.04
CGA HEC D . -2.87 5.38 -32.78
O1A HEC D . -2.94 6.66 -32.79
O2A HEC D . -1.96 4.74 -33.37
NB HEC D . -8.70 0.62 -28.97
C1B HEC D . -7.87 1.07 -27.95
C2B HEC D . -8.69 1.13 -26.78
C3B HEC D . -9.92 0.75 -27.08
C4B HEC D . -9.96 0.41 -28.49
CMB HEC D . -8.13 1.58 -25.40
CAB HEC D . -11.17 0.71 -26.21
CBB HEC D . -11.43 1.90 -25.54
NC HEC D . -9.86 -0.58 -31.24
C1C HEC D . -10.97 -0.67 -30.42
C2C HEC D . -11.98 -1.51 -31.02
C3C HEC D . -11.50 -1.93 -32.20
C4C HEC D . -10.18 -1.37 -32.34
CMC HEC D . -13.35 -1.82 -30.37
CAC HEC D . -12.14 -2.86 -33.28
CBC HEC D . -13.43 -2.71 -33.59
ND HEC D . -7.60 0.06 -32.82
C1D HEC D . -8.25 -0.82 -33.69
C2D HEC D . -7.50 -0.85 -34.91
C3D HEC D . -6.36 0.11 -34.74
C4D HEC D . -6.50 0.65 -33.40
CMD HEC D . -7.83 -1.68 -36.16
CAD HEC D . -5.27 0.41 -35.79
CBD HEC D . -4.02 -0.43 -35.49
CGD HEC D . -4.31 -1.91 -35.66
O1D HEC D . -4.63 -2.36 -36.79
O2D HEC D . -4.21 -2.67 -34.66
FE HEC E . -2.03 0.68 -23.72
CHA HEC E . 0.34 1.66 -26.00
CHB HEC E . -3.89 -0.66 -26.21
CHC HEC E . -3.99 -0.81 -21.40
CHD HEC E . -0.51 2.55 -21.31
NA HEC E . -1.82 0.55 -25.74
C1A HEC E . -0.75 1.01 -26.48
C2A HEC E . -1.01 0.66 -27.85
C3A HEC E . -2.16 0.00 -27.91
C4A HEC E . -2.72 -0.07 -26.58
CMA HEC E . -2.85 -0.54 -29.18
CAA HEC E . -0.05 0.98 -29.03
CBA HEC E . 0.84 -0.22 -29.25
CGA HEC E . 1.68 -0.15 -30.50
O1A HEC E . 1.57 -1.08 -31.34
O2A HEC E . 2.47 0.82 -30.63
NB HEC E . -3.61 -0.48 -23.77
C1B HEC E . -4.23 -0.96 -24.92
C2B HEC E . -5.28 -1.88 -24.56
C3B HEC E . -5.32 -1.93 -23.21
C4B HEC E . -4.27 -1.07 -22.74
CMB HEC E . -6.23 -2.56 -25.56
CAB HEC E . -6.25 -2.83 -22.35
CBB HEC E . -6.15 -4.19 -22.62
NC HEC E . -2.23 0.84 -21.72
C1C HEC E . -3.14 0.16 -20.97
C2C HEC E . -2.95 0.59 -19.60
C3C HEC E . -1.99 1.50 -19.58
C4C HEC E . -1.50 1.69 -20.92
CMC HEC E . -3.79 0.07 -18.44
CAC HEC E . -1.43 2.30 -18.41
CBC HEC E . -1.03 1.58 -17.30
ND HEC E . -0.41 1.93 -23.70
C1D HEC E . 0.09 2.52 -22.55
C2D HEC E . 1.36 3.14 -22.81
C3D HEC E . 1.64 2.87 -24.25
C4D HEC E . 0.52 2.10 -24.72
CMD HEC E . 2.27 3.90 -21.86
CAD HEC E . 2.93 3.28 -24.98
CBD HEC E . 3.87 2.10 -24.74
CGD HEC E . 5.34 2.36 -25.02
O1D HEC E . 5.70 3.49 -25.34
O2D HEC E . 6.14 1.40 -24.79
FE HEC F . 6.27 0.37 -10.58
CHA HEC F . 9.19 -1.12 -9.66
CHB HEC F . 6.78 -0.69 -13.83
CHC HEC F . 3.32 1.79 -11.51
CHD HEC F . 5.92 1.72 -7.42
NA HEC F . 7.68 -0.72 -11.56
C1A HEC F . 8.84 -1.18 -10.99
C2A HEC F . 9.65 -1.77 -12.03
C3A HEC F . 8.96 -1.66 -13.17
C4A HEC F . 7.74 -1.00 -12.91
CMA HEC F . 9.44 -2.11 -14.56
CAA HEC F . 10.99 -2.49 -11.83
CBA HEC F . 10.72 -3.90 -11.29
CGA HEC F . 9.77 -4.74 -12.14
O1A HEC F . 8.61 -5.06 -11.74
O2A HEC F . 10.22 -5.14 -13.24
NB HEC F . 5.24 0.51 -12.29
C1B HEC F . 5.59 -0.06 -13.52
C2B HEC F . 4.53 0.17 -14.45
C3B HEC F . 3.55 0.83 -13.82
C4B HEC F . 4.00 1.07 -12.46
CMB HEC F . 4.57 -0.32 -15.91
CAB HEC F . 2.17 1.29 -14.33
CBB HEC F . 1.29 0.30 -14.71
NC HEC F . 4.89 1.50 -9.63
C1C HEC F . 3.82 2.09 -10.28
C2C HEC F . 3.29 3.09 -9.38
C3C HEC F . 4.02 3.11 -8.27
C4C HEC F . 5.03 2.10 -8.39
CMC HEC F . 2.11 3.99 -9.76
CAC HEC F . 3.90 4.02 -7.04
CBC HEC F . 2.71 4.04 -6.38
ND HEC F . 7.33 0.27 -8.86
C1D HEC F . 6.97 0.86 -7.63
C2D HEC F . 7.87 0.39 -6.63
C3D HEC F . 8.88 -0.45 -7.31
C4D HEC F . 8.49 -0.46 -8.68
CMD HEC F . 7.81 0.69 -5.15
CAD HEC F . 10.07 -1.12 -6.62
CBD HEC F . 10.14 -2.62 -6.78
CGD HEC F . 9.02 -3.29 -6.09
O1D HEC F . 8.60 -4.35 -6.67
O2D HEC F . 8.52 -2.84 -5.01
PA FAD G . -4.78 1.02 0.89
O1A FAD G . -4.19 -0.27 0.56
O2A FAD G . -4.02 2.28 0.70
O5B FAD G . -6.12 1.09 0.15
C5B FAD G . -7.11 2.13 0.37
C4B FAD G . -7.86 2.37 -0.90
O4B FAD G . -9.04 3.19 -0.71
C3B FAD G . -7.02 2.96 -2.02
O3B FAD G . -7.09 2.19 -3.31
C2B FAD G . -7.78 4.16 -2.45
O2B FAD G . -7.63 4.94 -3.61
C1B FAD G . -9.12 4.12 -1.73
N9A FAD G . -9.92 5.22 -1.39
C8A FAD G . -9.48 6.26 -0.64
N7A FAD G . -10.43 7.13 -0.43
C5A FAD G . -11.54 6.68 -1.12
C6A FAD G . -12.89 7.10 -1.28
N6A FAD G . -13.30 8.27 -0.75
N1A FAD G . -13.72 6.34 -2.03
C2A FAD G . -13.30 5.23 -2.58
N3A FAD G . -12.00 4.70 -2.47
C4A FAD G . -11.19 5.48 -1.70
N1 FAD G . 3.21 -2.41 5.24
C2 FAD G . 3.60 -3.68 5.79
O2 FAD G . 3.21 -4.12 6.82
N3 FAD G . 4.48 -4.50 5.08
C4 FAD G . 5.09 -4.13 3.90
O4 FAD G . 5.79 -4.90 3.38
C4X FAD G . 4.72 -2.77 3.42
N5 FAD G . 5.27 -2.33 2.30
C5X FAD G . 4.82 -1.09 1.73
C6 FAD G . 5.40 -0.61 0.46
C7 FAD G . 4.94 0.53 -0.05
C7M FAD G . 5.53 0.99 -1.35
C8 FAD G . 3.89 1.24 0.66
C8M FAD G . 3.31 2.54 0.13
C9 FAD G . 3.31 0.83 1.85
C9A FAD G . 3.79 -0.36 2.43
N10 FAD G . 3.30 -0.85 3.68
C10 FAD G . 3.72 -2.07 4.16
C1' FAD G . 2.21 -0.18 4.37
C2' FAD G . 0.94 -0.79 3.86
O2' FAD G . 0.97 -1.42 2.50
C3' FAD G . -0.18 0.23 3.83
O3' FAD G . -0.31 0.63 5.23
C4' FAD G . -1.58 -0.45 3.47
O4' FAD G . -1.56 -0.24 2.05
C5' FAD G . -2.76 0.03 4.18
O5' FAD G . -3.83 -0.74 3.50
P FAD G . -5.29 -0.18 3.46
O1P FAD G . -5.63 0.43 4.78
O2P FAD G . -6.15 -1.27 2.95
O3P FAD G . -5.22 1.04 2.42
O4 MEZ H . 5.82 -2.29 6.84
C5 MEZ H . 6.34 -1.68 5.92
O3 MEZ H . 6.01 -0.45 5.69
C3 MEZ H . 7.47 -2.42 5.14
C4 MEZ H . 7.87 -3.82 5.64
C2 MEZ H . 8.04 -1.75 4.02
C1 MEZ H . 9.18 -2.33 3.43
O1 MEZ H . 10.19 -1.78 3.79
O2 MEZ H . 9.05 -3.37 2.81
#